data_1Z7I
# 
_entry.id   1Z7I 
# 
_audit_conform.dict_name       mmcif_pdbx.dic 
_audit_conform.dict_version    5.387 
_audit_conform.dict_location   http://mmcif.pdb.org/dictionaries/ascii/mmcif_pdbx.dic 
# 
loop_
_database_2.database_id 
_database_2.database_code 
_database_2.pdbx_database_accession 
_database_2.pdbx_DOI 
PDB   1Z7I         pdb_00001z7i 10.2210/pdb1z7i/pdb 
NDB   AD0045       ?            ?                   
RCSB  RCSB032395   ?            ?                   
WWPDB D_1000032395 ?            ?                   
# 
loop_
_pdbx_audit_revision_history.ordinal 
_pdbx_audit_revision_history.data_content_type 
_pdbx_audit_revision_history.major_revision 
_pdbx_audit_revision_history.minor_revision 
_pdbx_audit_revision_history.revision_date 
1 'Structure model' 1 0 2005-04-05 
2 'Structure model' 1 1 2008-04-30 
3 'Structure model' 1 2 2011-07-13 
4 'Structure model' 2 0 2024-02-14 
# 
_pdbx_audit_revision_details.ordinal             1 
_pdbx_audit_revision_details.revision_ordinal    1 
_pdbx_audit_revision_details.data_content_type   'Structure model' 
_pdbx_audit_revision_details.provider            repository 
_pdbx_audit_revision_details.type                'Initial release' 
_pdbx_audit_revision_details.description         ? 
_pdbx_audit_revision_details.details             ? 
# 
loop_
_pdbx_audit_revision_group.ordinal 
_pdbx_audit_revision_group.revision_ordinal 
_pdbx_audit_revision_group.data_content_type 
_pdbx_audit_revision_group.group 
1 2 'Structure model' 'Version format compliance' 
2 3 'Structure model' 'Version format compliance' 
3 4 'Structure model' 'Atomic model'              
4 4 'Structure model' 'Data collection'           
5 4 'Structure model' 'Database references'       
6 4 'Structure model' 'Derived calculations'      
# 
loop_
_pdbx_audit_revision_category.ordinal 
_pdbx_audit_revision_category.revision_ordinal 
_pdbx_audit_revision_category.data_content_type 
_pdbx_audit_revision_category.category 
1 4 'Structure model' atom_site      
2 4 'Structure model' chem_comp_atom 
3 4 'Structure model' chem_comp_bond 
4 4 'Structure model' database_2     
5 4 'Structure model' struct_conn    
6 4 'Structure model' struct_site    
# 
loop_
_pdbx_audit_revision_item.ordinal 
_pdbx_audit_revision_item.revision_ordinal 
_pdbx_audit_revision_item.data_content_type 
_pdbx_audit_revision_item.item 
1  4 'Structure model' '_atom_site.occupancy'                
2  4 'Structure model' '_database_2.pdbx_DOI'                
3  4 'Structure model' '_database_2.pdbx_database_accession' 
4  4 'Structure model' '_struct_conn.pdbx_dist_value'        
5  4 'Structure model' '_struct_conn.pdbx_leaving_atom_flag' 
6  4 'Structure model' '_struct_conn.ptnr1_auth_comp_id'     
7  4 'Structure model' '_struct_conn.ptnr1_auth_seq_id'      
8  4 'Structure model' '_struct_conn.ptnr1_label_comp_id'    
9  4 'Structure model' '_struct_conn.ptnr1_label_seq_id'     
10 4 'Structure model' '_struct_conn.ptnr2_auth_comp_id'     
11 4 'Structure model' '_struct_conn.ptnr2_auth_seq_id'      
12 4 'Structure model' '_struct_conn.ptnr2_label_comp_id'    
13 4 'Structure model' '_struct_conn.ptnr2_label_seq_id'     
14 4 'Structure model' '_struct_site.pdbx_auth_asym_id'      
15 4 'Structure model' '_struct_site.pdbx_auth_comp_id'      
16 4 'Structure model' '_struct_site.pdbx_auth_seq_id'       
# 
_pdbx_database_status.status_code                     REL 
_pdbx_database_status.entry_id                        1Z7I 
_pdbx_database_status.recvd_initial_deposition_date   2005-03-24 
_pdbx_database_status.deposit_site                    RCSB 
_pdbx_database_status.process_site                    RCSB 
_pdbx_database_status.status_code_sf                  REL 
_pdbx_database_status.status_code_mr                  ? 
_pdbx_database_status.SG_entry                        ? 
_pdbx_database_status.pdb_format_compatible           Y 
_pdbx_database_status.status_code_cs                  ? 
_pdbx_database_status.status_code_nmr_data            ? 
_pdbx_database_status.methods_development_category    ? 
# 
loop_
_pdbx_database_related.db_name 
_pdbx_database_related.db_id 
_pdbx_database_related.details 
_pdbx_database_related.content_type 
PDB 1DNS . unspecified 
PDB 1D78 . unspecified 
PDB 1D79 . unspecified 
# 
loop_
_audit_author.name 
_audit_author.pdbx_ordinal 
'Huang, Z.'    1 
'Carrasco, N.' 2 
'Jiang, J.'    3 
# 
_citation.id                        primary 
_citation.title                     'Selenium derivatization of nucleic acids for crystallography.' 
_citation.journal_abbrev            'Nucleic Acids Res.' 
_citation.journal_volume            35 
_citation.page_first                477 
_citation.page_last                 485 
_citation.year                      2007 
_citation.journal_id_ASTM           NARHAD 
_citation.country                   UK 
_citation.journal_id_ISSN           0305-1048 
_citation.journal_id_CSD            0389 
_citation.book_publisher            ? 
_citation.pdbx_database_id_PubMed   17169989 
_citation.pdbx_database_id_DOI      10.1093/nar/gkl1070 
# 
loop_
_citation_author.citation_id 
_citation_author.name 
_citation_author.ordinal 
_citation_author.identifier_ORCID 
primary 'Jiang, J.'    1 ? 
primary 'Sheng, J.'    2 ? 
primary 'Carrasco, N.' 3 ? 
primary 'Huang, Z.'    4 ? 
# 
loop_
_entity.id 
_entity.type 
_entity.src_method 
_entity.pdbx_description 
_entity.formula_weight 
_entity.pdbx_number_of_molecules 
_entity.pdbx_ec 
_entity.pdbx_mutation 
_entity.pdbx_fragment 
_entity.details 
1 polymer     syn "5'-D(*GP*(UMS)P*GP*TP*AP*CP*AP*C)-3'" 2505.577 1  ? ? 
;2'-Selenium A-DNA DUPLEX
;
? 
2 non-polymer syn SPERMINE                               202.340  1  ? ? ?                          ? 
3 water       nat water                                  18.015   44 ? ? ?                          ? 
# 
_entity_poly.entity_id                      1 
_entity_poly.type                           polydeoxyribonucleotide 
_entity_poly.nstd_linkage                   no 
_entity_poly.nstd_monomer                   yes 
_entity_poly.pdbx_seq_one_letter_code       '(DG)(UMS)(DG)(DT)(DA)(DC)(DA)(DC)' 
_entity_poly.pdbx_seq_one_letter_code_can   GUGTACAC 
_entity_poly.pdbx_strand_id                 A 
_entity_poly.pdbx_target_identifier         ? 
# 
loop_
_pdbx_entity_nonpoly.entity_id 
_pdbx_entity_nonpoly.name 
_pdbx_entity_nonpoly.comp_id 
2 SPERMINE SPM 
3 water    HOH 
# 
loop_
_entity_poly_seq.entity_id 
_entity_poly_seq.num 
_entity_poly_seq.mon_id 
_entity_poly_seq.hetero 
1 1 DG  n 
1 2 UMS n 
1 3 DG  n 
1 4 DT  n 
1 5 DA  n 
1 6 DC  n 
1 7 DA  n 
1 8 DC  n 
# 
_pdbx_entity_src_syn.entity_id              1 
_pdbx_entity_src_syn.pdbx_src_id            1 
_pdbx_entity_src_syn.pdbx_alt_source_flag   sample 
_pdbx_entity_src_syn.pdbx_beg_seq_num       ? 
_pdbx_entity_src_syn.pdbx_end_seq_num       ? 
_pdbx_entity_src_syn.organism_scientific    ? 
_pdbx_entity_src_syn.organism_common_name   ? 
_pdbx_entity_src_syn.ncbi_taxonomy_id       ? 
_pdbx_entity_src_syn.details                'Solid Phase Synthesis via Phosphoramidite Chemistry' 
# 
loop_
_chem_comp.id 
_chem_comp.type 
_chem_comp.mon_nstd_flag 
_chem_comp.name 
_chem_comp.pdbx_synonyms 
_chem_comp.formula 
_chem_comp.formula_weight 
DA  'DNA linking' y "2'-DEOXYADENOSINE-5'-MONOPHOSPHATE"            ? 'C10 H14 N5 O6 P'    331.222 
DC  'DNA linking' y "2'-DEOXYCYTIDINE-5'-MONOPHOSPHATE"             ? 'C9 H14 N3 O7 P'     307.197 
DG  'DNA linking' y "2'-DEOXYGUANOSINE-5'-MONOPHOSPHATE"            ? 'C10 H14 N5 O7 P'    347.221 
DT  'DNA linking' y "THYMIDINE-5'-MONOPHOSPHATE"                    ? 'C10 H15 N2 O8 P'    322.208 
HOH non-polymer   . WATER                                           ? 'H2 O'               18.015  
SPM non-polymer   . SPERMINE                                        ? 'C10 H26 N4'         202.340 
UMS 'DNA linking' n "2'-METHYLSELENYL-2'-DEOXYURIDINE-5'-PHOSPHATE" ? 'C10 H15 N2 O8 P Se' 401.168 
# 
loop_
_pdbx_poly_seq_scheme.asym_id 
_pdbx_poly_seq_scheme.entity_id 
_pdbx_poly_seq_scheme.seq_id 
_pdbx_poly_seq_scheme.mon_id 
_pdbx_poly_seq_scheme.ndb_seq_num 
_pdbx_poly_seq_scheme.pdb_seq_num 
_pdbx_poly_seq_scheme.auth_seq_num 
_pdbx_poly_seq_scheme.pdb_mon_id 
_pdbx_poly_seq_scheme.auth_mon_id 
_pdbx_poly_seq_scheme.pdb_strand_id 
_pdbx_poly_seq_scheme.pdb_ins_code 
_pdbx_poly_seq_scheme.hetero 
A 1 1 DG  1 1 1 DG  G   A . n 
A 1 2 UMS 2 2 2 UMS UMS A . n 
A 1 3 DG  3 3 3 DG  G   A . n 
A 1 4 DT  4 4 4 DT  T   A . n 
A 1 5 DA  5 5 5 DA  A   A . n 
A 1 6 DC  6 6 6 DC  C   A . n 
A 1 7 DA  7 7 7 DA  A   A . n 
A 1 8 DC  8 8 8 DC  C   A . n 
# 
loop_
_pdbx_nonpoly_scheme.asym_id 
_pdbx_nonpoly_scheme.entity_id 
_pdbx_nonpoly_scheme.mon_id 
_pdbx_nonpoly_scheme.ndb_seq_num 
_pdbx_nonpoly_scheme.pdb_seq_num 
_pdbx_nonpoly_scheme.auth_seq_num 
_pdbx_nonpoly_scheme.pdb_mon_id 
_pdbx_nonpoly_scheme.auth_mon_id 
_pdbx_nonpoly_scheme.pdb_strand_id 
_pdbx_nonpoly_scheme.pdb_ins_code 
B 2 SPM 1  50 50 SPM SPM A . 
C 3 HOH 1  51 1  HOH HOH A . 
C 3 HOH 2  52 2  HOH HOH A . 
C 3 HOH 3  53 3  HOH HOH A . 
C 3 HOH 4  54 4  HOH HOH A . 
C 3 HOH 5  55 5  HOH HOH A . 
C 3 HOH 6  56 6  HOH HOH A . 
C 3 HOH 7  57 7  HOH HOH A . 
C 3 HOH 8  58 8  HOH HOH A . 
C 3 HOH 9  59 9  HOH HOH A . 
C 3 HOH 10 60 10 HOH HOH A . 
C 3 HOH 11 61 11 HOH HOH A . 
C 3 HOH 12 62 12 HOH HOH A . 
C 3 HOH 13 63 13 HOH HOH A . 
C 3 HOH 14 64 14 HOH HOH A . 
C 3 HOH 15 65 15 HOH HOH A . 
C 3 HOH 16 66 16 HOH HOH A . 
C 3 HOH 17 67 17 HOH HOH A . 
C 3 HOH 18 68 18 HOH HOH A . 
C 3 HOH 19 69 19 HOH HOH A . 
C 3 HOH 20 70 20 HOH HOH A . 
C 3 HOH 21 71 21 HOH HOH A . 
C 3 HOH 22 72 22 HOH HOH A . 
C 3 HOH 23 73 23 HOH HOH A . 
C 3 HOH 24 74 24 HOH HOH A . 
C 3 HOH 25 75 25 HOH HOH A . 
C 3 HOH 26 76 26 HOH HOH A . 
C 3 HOH 27 77 27 HOH HOH A . 
C 3 HOH 28 78 28 HOH HOH A . 
C 3 HOH 29 79 29 HOH HOH A . 
C 3 HOH 30 80 30 HOH HOH A . 
C 3 HOH 31 81 31 HOH HOH A . 
C 3 HOH 32 82 32 HOH HOH A . 
C 3 HOH 33 83 33 HOH HOH A . 
C 3 HOH 34 84 34 HOH HOH A . 
C 3 HOH 35 85 35 HOH HOH A . 
C 3 HOH 36 86 36 HOH HOH A . 
C 3 HOH 37 87 37 HOH HOH A . 
C 3 HOH 38 88 38 HOH HOH A . 
C 3 HOH 39 89 39 HOH HOH A . 
C 3 HOH 40 90 40 HOH HOH A . 
C 3 HOH 41 91 41 HOH HOH A . 
C 3 HOH 42 92 42 HOH HOH A . 
C 3 HOH 43 93 43 HOH HOH A . 
C 3 HOH 44 94 44 HOH HOH A . 
# 
loop_
_pdbx_unobs_or_zero_occ_atoms.id 
_pdbx_unobs_or_zero_occ_atoms.PDB_model_num 
_pdbx_unobs_or_zero_occ_atoms.polymer_flag 
_pdbx_unobs_or_zero_occ_atoms.occupancy_flag 
_pdbx_unobs_or_zero_occ_atoms.auth_asym_id 
_pdbx_unobs_or_zero_occ_atoms.auth_comp_id 
_pdbx_unobs_or_zero_occ_atoms.auth_seq_id 
_pdbx_unobs_or_zero_occ_atoms.PDB_ins_code 
_pdbx_unobs_or_zero_occ_atoms.auth_atom_id 
_pdbx_unobs_or_zero_occ_atoms.label_alt_id 
_pdbx_unobs_or_zero_occ_atoms.label_asym_id 
_pdbx_unobs_or_zero_occ_atoms.label_comp_id 
_pdbx_unobs_or_zero_occ_atoms.label_seq_id 
_pdbx_unobs_or_zero_occ_atoms.label_atom_id 
1  1 N 1 A SPM 50 ? N1  ? B SPM 1 N1  
2  1 N 1 A SPM 50 ? C2  ? B SPM 1 C2  
3  1 N 1 A SPM 50 ? C3  ? B SPM 1 C3  
4  1 N 1 A SPM 50 ? C4  ? B SPM 1 C4  
5  1 N 1 A SPM 50 ? C8  ? B SPM 1 C8  
6  1 N 1 A SPM 50 ? C9  ? B SPM 1 C9  
7  1 N 1 A SPM 50 ? N10 ? B SPM 1 N10 
8  1 N 1 A SPM 50 ? C11 ? B SPM 1 C11 
9  1 N 1 A SPM 50 ? C12 ? B SPM 1 C12 
10 1 N 1 A SPM 50 ? C13 ? B SPM 1 C13 
11 1 N 1 A SPM 50 ? N14 ? B SPM 1 N14 
# 
loop_
_software.name 
_software.classification 
_software.version 
_software.citation_id 
_software.pdbx_ordinal 
CNS       refinement        1.1 ? 1 
CBASS     'data collection' .   ? 2 
SCALEPACK 'data scaling'    .   ? 3 
CNS       phasing           .   ? 4 
# 
_cell.entry_id           1Z7I 
_cell.length_a           42.076 
_cell.length_b           42.076 
_cell.length_c           23.935 
_cell.angle_alpha        90.00 
_cell.angle_beta         90.00 
_cell.angle_gamma        90.00 
_cell.Z_PDB              8 
_cell.pdbx_unique_axis   ? 
# 
_symmetry.entry_id                         1Z7I 
_symmetry.space_group_name_H-M             'P 43 21 2' 
_symmetry.pdbx_full_space_group_name_H-M   ? 
_symmetry.cell_setting                     ? 
_symmetry.Int_Tables_number                96 
_symmetry.space_group_name_Hall            ? 
# 
_exptl.entry_id          1Z7I 
_exptl.method            'X-RAY DIFFRACTION' 
_exptl.crystals_number   1 
# 
_exptl_crystal.id                    1 
_exptl_crystal.density_meas          ? 
_exptl_crystal.density_Matthews      3.01 
_exptl_crystal.density_percent_sol   59 
_exptl_crystal.description           ? 
_exptl_crystal.F_000                 ? 
_exptl_crystal.preparation           ? 
# 
_exptl_crystal_grow.crystal_id      1 
_exptl_crystal_grow.method          'VAPOR DIFFUSION, HANGING DROP' 
_exptl_crystal_grow.temp            298 
_exptl_crystal_grow.temp_details    ? 
_exptl_crystal_grow.pH              6.0 
_exptl_crystal_grow.pdbx_details    
;10% v/v MPD, 40 mM Sodium Cacodylate (pH 6.0), 12 mM Spermine tetra-HCl, 80 mM Sodium Chloride, 20 mM Magnesium Chloride, VAPOR DIFFUSION, HANGING DROP, temperature 298K
;
_exptl_crystal_grow.pdbx_pH_range   . 
# 
loop_
_exptl_crystal_grow_comp.crystal_id 
_exptl_crystal_grow_comp.id 
_exptl_crystal_grow_comp.sol_id 
_exptl_crystal_grow_comp.name 
_exptl_crystal_grow_comp.volume 
_exptl_crystal_grow_comp.conc 
_exptl_crystal_grow_comp.details 
1 1  1 MPD                  ? ? ? 
1 2  1 'Sodium Cacodylate'  ? ? ? 
1 3  1 'Spermine tetra-HCl' ? ? ? 
1 4  1 'Sodium Chloride'    ? ? ? 
1 5  1 'Magnesium Chloride' ? ? ? 
1 6  1 H2O                  ? ? ? 
1 7  2 MPD                  ? ? ? 
1 8  2 'Sodium Cacodylate'  ? ? ? 
1 9  2 'Sodium Chloride'    ? ? ? 
1 10 2 'Magnesium Chloride' ? ? ? 
# 
_diffrn.id                     1 
_diffrn.ambient_temp           273 
_diffrn.ambient_temp_details   ? 
_diffrn.crystal_id             1 
# 
_diffrn_detector.diffrn_id              1 
_diffrn_detector.detector               CCD 
_diffrn_detector.type                   'BRANDEIS - B4' 
_diffrn_detector.pdbx_collection_date   2004-02-13 
_diffrn_detector.details                ? 
# 
_diffrn_radiation.diffrn_id                        1 
_diffrn_radiation.wavelength_id                    1 
_diffrn_radiation.pdbx_monochromatic_or_laue_m_l   M 
_diffrn_radiation.monochromator                    ? 
_diffrn_radiation.pdbx_diffrn_protocol             MAD 
_diffrn_radiation.pdbx_scattering_type             x-ray 
# 
loop_
_diffrn_radiation_wavelength.id 
_diffrn_radiation_wavelength.wavelength 
_diffrn_radiation_wavelength.wt 
1 0.979  1.0 
2 0.9794 1.0 
3 0.940  1.0 
4 0.920  1.0 
# 
_diffrn_source.diffrn_id                   1 
_diffrn_source.source                      SYNCHROTRON 
_diffrn_source.type                        'NSLS BEAMLINE X12C' 
_diffrn_source.pdbx_synchrotron_site       NSLS 
_diffrn_source.pdbx_synchrotron_beamline   X12C 
_diffrn_source.pdbx_wavelength             ? 
_diffrn_source.pdbx_wavelength_list        '0.979, 0.9794, 0.940, 0.920' 
# 
_reflns.entry_id                     1Z7I 
_reflns.observed_criterion_sigma_I   0 
_reflns.observed_criterion_sigma_F   0 
_reflns.d_resolution_low             50 
_reflns.d_resolution_high            1.28 
_reflns.number_obs                   6029 
_reflns.number_all                   6325 
_reflns.percent_possible_obs         95.3 
_reflns.pdbx_Rmerge_I_obs            0.08 
_reflns.pdbx_Rsym_value              ? 
_reflns.pdbx_netI_over_sigmaI        14.8 
_reflns.B_iso_Wilson_estimate        14.9 
_reflns.pdbx_redundancy              12.4 
_reflns.R_free_details               ? 
_reflns.pdbx_chi_squared             ? 
_reflns.pdbx_scaling_rejects         ? 
_reflns.pdbx_diffrn_id               1 
_reflns.pdbx_ordinal                 1 
# 
_reflns_shell.d_res_high             1.28 
_reflns_shell.d_res_low              1.30 
_reflns_shell.percent_possible_all   70 
_reflns_shell.Rmerge_I_obs           ? 
_reflns_shell.pdbx_Rsym_value        ? 
_reflns_shell.meanI_over_sigI_obs    ? 
_reflns_shell.pdbx_redundancy        ? 
_reflns_shell.percent_possible_obs   ? 
_reflns_shell.number_unique_all      ? 
_reflns_shell.number_measured_all    ? 
_reflns_shell.number_measured_obs    ? 
_reflns_shell.number_unique_obs      ? 
_reflns_shell.pdbx_chi_squared       ? 
_reflns_shell.pdbx_diffrn_id         ? 
_reflns_shell.pdbx_ordinal           1 
# 
_refine.entry_id                                 1Z7I 
_refine.ls_number_reflns_obs                     5275 
_refine.ls_number_reflns_all                     5901 
_refine.pdbx_ls_sigma_I                          ? 
_refine.pdbx_ls_sigma_F                          2.0 
_refine.pdbx_data_cutoff_high_absF               450767.65 
_refine.pdbx_data_cutoff_low_absF                0.000000 
_refine.pdbx_data_cutoff_high_rms_absF           ? 
_refine.ls_d_res_low                             20.81 
_refine.ls_d_res_high                            1.28 
_refine.ls_percent_reflns_obs                    89.3 
_refine.ls_R_factor_obs                          0.177 
_refine.ls_R_factor_all                          0.182 
_refine.ls_R_factor_R_work                       0.177 
_refine.ls_R_factor_R_free                       0.2 
_refine.ls_R_factor_R_free_error                 0.008 
_refine.ls_R_factor_R_free_error_details         ? 
_refine.ls_percent_reflns_R_free                 11.0 
_refine.ls_number_reflns_R_free                  581 
_refine.ls_number_parameters                     ? 
_refine.ls_number_restraints                     ? 
_refine.occupancy_min                            ? 
_refine.occupancy_max                            ? 
_refine.correlation_coeff_Fo_to_Fc               ? 
_refine.correlation_coeff_Fo_to_Fc_free          ? 
_refine.B_iso_mean                               15.0 
_refine.aniso_B[1][1]                            0.70 
_refine.aniso_B[2][2]                            0.70 
_refine.aniso_B[3][3]                            -1.41 
_refine.aniso_B[1][2]                            0.00 
_refine.aniso_B[1][3]                            0.00 
_refine.aniso_B[2][3]                            0.00 
_refine.solvent_model_details                    'FLAT MODEL' 
_refine.solvent_model_param_ksol                 0.3 
_refine.solvent_model_param_bsol                 22.2222 
_refine.pdbx_solvent_vdw_probe_radii             ? 
_refine.pdbx_solvent_ion_probe_radii             ? 
_refine.pdbx_solvent_shrinkage_radii             ? 
_refine.pdbx_ls_cross_valid_method               THROUGHOUT 
_refine.details                                  ? 
_refine.pdbx_starting_model                      ? 
_refine.pdbx_method_to_determine_struct          'MAD, MOLECULAR REPLACEMENT' 
_refine.pdbx_isotropic_thermal_model             RESTRAINED 
_refine.pdbx_stereochemistry_target_values       dna-rna_ums.par 
_refine.pdbx_stereochem_target_val_spec_case     ? 
_refine.pdbx_R_Free_selection_details            RANDOM 
_refine.pdbx_overall_ESU_R_Free                  ? 
_refine.ls_redundancy_reflns_obs                 ? 
_refine.overall_SU_R_Cruickshank_DPI             ? 
_refine.overall_SU_R_free                        ? 
_refine.overall_SU_ML                            ? 
_refine.overall_SU_B                             ? 
_refine.pdbx_overall_ESU_R                       ? 
_refine.ls_wR_factor_R_free                      ? 
_refine.ls_wR_factor_R_work                      ? 
_refine.overall_FOM_free_R_set                   ? 
_refine.overall_FOM_work_R_set                   ? 
_refine.pdbx_refine_id                           'X-RAY DIFFRACTION' 
_refine.pdbx_diffrn_id                           1 
_refine.pdbx_TLS_residual_ADP_flag               ? 
_refine.pdbx_overall_phase_error                 ? 
_refine.pdbx_overall_SU_R_free_Cruickshank_DPI   ? 
_refine.pdbx_overall_SU_R_Blow_DPI               ? 
_refine.pdbx_overall_SU_R_free_Blow_DPI          ? 
# 
_refine_analyze.entry_id                        1Z7I 
_refine_analyze.Luzzati_coordinate_error_obs    0.13 
_refine_analyze.Luzzati_sigma_a_obs             0.11 
_refine_analyze.Luzzati_d_res_low_obs           5.00 
_refine_analyze.Luzzati_coordinate_error_free   0.15 
_refine_analyze.Luzzati_sigma_a_free            0.10 
_refine_analyze.Luzzati_d_res_low_free          ? 
_refine_analyze.number_disordered_residues      ? 
_refine_analyze.occupancy_sum_hydrogen          ? 
_refine_analyze.occupancy_sum_non_hydrogen      ? 
_refine_analyze.pdbx_refine_id                  'X-RAY DIFFRACTION' 
# 
_refine_hist.pdbx_refine_id                   'X-RAY DIFFRACTION' 
_refine_hist.cycle_id                         LAST 
_refine_hist.pdbx_number_atoms_protein        0 
_refine_hist.pdbx_number_atoms_nucleic_acid   162 
_refine_hist.pdbx_number_atoms_ligand         3 
_refine_hist.number_atoms_solvent             44 
_refine_hist.number_atoms_total               209 
_refine_hist.d_res_high                       1.28 
_refine_hist.d_res_low                        20.81 
# 
loop_
_refine_ls_restr.type 
_refine_ls_restr.dev_ideal 
_refine_ls_restr.dev_ideal_target 
_refine_ls_restr.weight 
_refine_ls_restr.number 
_refine_ls_restr.pdbx_refine_id 
_refine_ls_restr.pdbx_restraint_function 
c_bond_d           0.012 ?    ? ? 'X-RAY DIFFRACTION' ? 
c_angle_deg        1.8   ?    ? ? 'X-RAY DIFFRACTION' ? 
c_dihedral_angle_d 33.1  ?    ? ? 'X-RAY DIFFRACTION' ? 
c_improper_angle_d 2.07  ?    ? ? 'X-RAY DIFFRACTION' ? 
c_mcbond_it        1.23  1.50 ? ? 'X-RAY DIFFRACTION' ? 
c_mcangle_it       1.50  2.00 ? ? 'X-RAY DIFFRACTION' ? 
c_scbond_it        1.28  2.00 ? ? 'X-RAY DIFFRACTION' ? 
c_scangle_it       1.92  2.50 ? ? 'X-RAY DIFFRACTION' ? 
# 
_refine_ls_shell.pdbx_total_number_of_bins_used   6 
_refine_ls_shell.d_res_high                       1.28 
_refine_ls_shell.d_res_low                        1.36 
_refine_ls_shell.number_reflns_R_work             552 
_refine_ls_shell.R_factor_R_work                  0.237 
_refine_ls_shell.percent_reflns_obs               66.6 
_refine_ls_shell.R_factor_R_free                  0.231 
_refine_ls_shell.R_factor_R_free_error            0.026 
_refine_ls_shell.percent_reflns_R_free            12.8 
_refine_ls_shell.number_reflns_R_free             81 
_refine_ls_shell.redundancy_reflns_obs            ? 
_refine_ls_shell.pdbx_refine_id                   'X-RAY DIFFRACTION' 
_refine_ls_shell.number_reflns_all                ? 
_refine_ls_shell.R_factor_all                     ? 
# 
loop_
_pdbx_xplor_file.serial_no 
_pdbx_xplor_file.param_file 
_pdbx_xplor_file.topol_file 
_pdbx_xplor_file.pdbx_refine_id 
1 PROTEIN_REP.PARAM PROTEIN.TOP 'X-RAY DIFFRACTION' 
2 WATER_REP.PARAM   DNA-RNA.TOP 'X-RAY DIFFRACTION' 
3 ION.PARAM         WATER.TOP   'X-RAY DIFFRACTION' 
4 DNA-RNA_UMS.PAR   ION.TOP     'X-RAY DIFFRACTION' 
5 CAC.PAR           UMS.TOP     'X-RAY DIFFRACTION' 
# 
_struct.entry_id                  1Z7I 
_struct.title                     
;2'-Me-Se Derivitation of A-DNA Octamer G(UMSe)GTACAC
;
_struct.pdbx_model_details        ? 
_struct.pdbx_CASP_flag            ? 
_struct.pdbx_model_type_details   ? 
# 
_struct_keywords.entry_id        1Z7I 
_struct_keywords.pdbx_keywords   DNA 
_struct_keywords.text            
;2'-Methylseleno-uridine, Se-DNA, Selenium Derivatization, DNA
;
# 
loop_
_struct_asym.id 
_struct_asym.pdbx_blank_PDB_chainid_flag 
_struct_asym.pdbx_modified 
_struct_asym.entity_id 
_struct_asym.details 
A N N 1 ? 
B N N 2 ? 
C N N 3 ? 
# 
_struct_ref.id                         1 
_struct_ref.entity_id                  1 
_struct_ref.db_name                    PDB 
_struct_ref.db_code                    1Z7I 
_struct_ref.pdbx_db_accession          1Z7I 
_struct_ref.pdbx_db_isoform            ? 
_struct_ref.pdbx_seq_one_letter_code   ? 
_struct_ref.pdbx_align_begin           ? 
# 
_struct_ref_seq.align_id                      1 
_struct_ref_seq.ref_id                        1 
_struct_ref_seq.pdbx_PDB_id_code              1Z7I 
_struct_ref_seq.pdbx_strand_id                A 
_struct_ref_seq.seq_align_beg                 1 
_struct_ref_seq.pdbx_seq_align_beg_ins_code   ? 
_struct_ref_seq.seq_align_end                 8 
_struct_ref_seq.pdbx_seq_align_end_ins_code   ? 
_struct_ref_seq.pdbx_db_accession             1Z7I 
_struct_ref_seq.db_align_beg                  1 
_struct_ref_seq.pdbx_db_align_beg_ins_code    ? 
_struct_ref_seq.db_align_end                  8 
_struct_ref_seq.pdbx_db_align_end_ins_code    ? 
_struct_ref_seq.pdbx_auth_seq_align_beg       1 
_struct_ref_seq.pdbx_auth_seq_align_end       8 
# 
_pdbx_struct_assembly.id                   1 
_pdbx_struct_assembly.details              author_defined_assembly 
_pdbx_struct_assembly.method_details       ? 
_pdbx_struct_assembly.oligomeric_details   dimeric 
_pdbx_struct_assembly.oligomeric_count     2 
# 
_pdbx_struct_assembly_gen.assembly_id       1 
_pdbx_struct_assembly_gen.oper_expression   1,2 
_pdbx_struct_assembly_gen.asym_id_list      A,B,C 
# 
loop_
_pdbx_struct_oper_list.id 
_pdbx_struct_oper_list.type 
_pdbx_struct_oper_list.name 
_pdbx_struct_oper_list.symmetry_operation 
_pdbx_struct_oper_list.matrix[1][1] 
_pdbx_struct_oper_list.matrix[1][2] 
_pdbx_struct_oper_list.matrix[1][3] 
_pdbx_struct_oper_list.vector[1] 
_pdbx_struct_oper_list.matrix[2][1] 
_pdbx_struct_oper_list.matrix[2][2] 
_pdbx_struct_oper_list.matrix[2][3] 
_pdbx_struct_oper_list.vector[2] 
_pdbx_struct_oper_list.matrix[3][1] 
_pdbx_struct_oper_list.matrix[3][2] 
_pdbx_struct_oper_list.matrix[3][3] 
_pdbx_struct_oper_list.vector[3] 
1 'identity operation'         1_555 x,y,z  1.0000000000  0.0000000000  0.0000000000  0.0000000000 0.0000000000  1.0000000000  0.0000000000 0.0000000000 0.0000000000  0.0000000000 1.0000000000 0.0000000000 
2 'crystal symmetry operation' 7_555 y,x,-z -0.5177915371 -0.1045318098 -0.8490965933 2.9449947712 -0.1045318098 -0.9773398849 0.1840647986 4.4679030851 -0.8490965933 0.1840647986 0.4951314221 1.1224440349 
# 
loop_
_struct_conn.id 
_struct_conn.conn_type_id 
_struct_conn.pdbx_leaving_atom_flag 
_struct_conn.pdbx_PDB_id 
_struct_conn.ptnr1_label_asym_id 
_struct_conn.ptnr1_label_comp_id 
_struct_conn.ptnr1_label_seq_id 
_struct_conn.ptnr1_label_atom_id 
_struct_conn.pdbx_ptnr1_label_alt_id 
_struct_conn.pdbx_ptnr1_PDB_ins_code 
_struct_conn.pdbx_ptnr1_standard_comp_id 
_struct_conn.ptnr1_symmetry 
_struct_conn.ptnr2_label_asym_id 
_struct_conn.ptnr2_label_comp_id 
_struct_conn.ptnr2_label_seq_id 
_struct_conn.ptnr2_label_atom_id 
_struct_conn.pdbx_ptnr2_label_alt_id 
_struct_conn.pdbx_ptnr2_PDB_ins_code 
_struct_conn.ptnr1_auth_asym_id 
_struct_conn.ptnr1_auth_comp_id 
_struct_conn.ptnr1_auth_seq_id 
_struct_conn.ptnr2_auth_asym_id 
_struct_conn.ptnr2_auth_comp_id 
_struct_conn.ptnr2_auth_seq_id 
_struct_conn.ptnr2_symmetry 
_struct_conn.pdbx_ptnr3_label_atom_id 
_struct_conn.pdbx_ptnr3_label_seq_id 
_struct_conn.pdbx_ptnr3_label_comp_id 
_struct_conn.pdbx_ptnr3_label_asym_id 
_struct_conn.pdbx_ptnr3_label_alt_id 
_struct_conn.pdbx_ptnr3_PDB_ins_code 
_struct_conn.details 
_struct_conn.pdbx_dist_value 
_struct_conn.pdbx_value_order 
_struct_conn.pdbx_role 
covale1  covale both ? A DG  1 "O3'" ? ? ? 1_555 A UMS 2 P  ? ? A DG  1 A UMS 2 1_555 ? ? ? ? ? ? ?            1.587 ? ? 
covale2  covale both ? A UMS 2 "O3'" ? ? ? 1_555 A DG  3 P  ? ? A UMS 2 A DG  3 1_555 ? ? ? ? ? ? ?            1.583 ? ? 
hydrog1  hydrog ?    ? A DG  1 N1    ? ? ? 1_555 A DC  8 N3 ? ? A DG  1 A DC  8 7_555 ? ? ? ? ? ? WATSON-CRICK ?     ? ? 
hydrog2  hydrog ?    ? A DG  1 N2    ? ? ? 1_555 A DC  8 O2 ? ? A DG  1 A DC  8 7_555 ? ? ? ? ? ? WATSON-CRICK ?     ? ? 
hydrog3  hydrog ?    ? A DG  1 O6    ? ? ? 1_555 A DC  8 N4 ? ? A DG  1 A DC  8 7_555 ? ? ? ? ? ? WATSON-CRICK ?     ? ? 
hydrog4  hydrog ?    ? A UMS 2 N3    ? ? ? 1_555 A DA  7 N1 ? ? A UMS 2 A DA  7 7_555 ? ? ? ? ? ? WATSON-CRICK ?     ? ? 
hydrog5  hydrog ?    ? A UMS 2 O4    ? ? ? 1_555 A DA  7 N6 ? ? A UMS 2 A DA  7 7_555 ? ? ? ? ? ? WATSON-CRICK ?     ? ? 
hydrog6  hydrog ?    ? A DG  3 N1    ? ? ? 1_555 A DC  6 N3 ? ? A DG  3 A DC  6 7_555 ? ? ? ? ? ? WATSON-CRICK ?     ? ? 
hydrog7  hydrog ?    ? A DG  3 N2    ? ? ? 1_555 A DC  6 O2 ? ? A DG  3 A DC  6 7_555 ? ? ? ? ? ? WATSON-CRICK ?     ? ? 
hydrog8  hydrog ?    ? A DG  3 O6    ? ? ? 1_555 A DC  6 N4 ? ? A DG  3 A DC  6 7_555 ? ? ? ? ? ? WATSON-CRICK ?     ? ? 
hydrog9  hydrog ?    ? A DT  4 N3    ? ? ? 1_555 A DA  5 N1 ? ? A DT  4 A DA  5 7_555 ? ? ? ? ? ? WATSON-CRICK ?     ? ? 
hydrog10 hydrog ?    ? A DT  4 O4    ? ? ? 1_555 A DA  5 N6 ? ? A DT  4 A DA  5 7_555 ? ? ? ? ? ? WATSON-CRICK ?     ? ? 
hydrog11 hydrog ?    ? A DA  5 N1    ? ? ? 1_555 A DT  4 N3 ? ? A DA  5 A DT  4 7_555 ? ? ? ? ? ? WATSON-CRICK ?     ? ? 
hydrog12 hydrog ?    ? A DA  5 N6    ? ? ? 1_555 A DT  4 O4 ? ? A DA  5 A DT  4 7_555 ? ? ? ? ? ? WATSON-CRICK ?     ? ? 
hydrog13 hydrog ?    ? A DC  6 N3    ? ? ? 1_555 A DG  3 N1 ? ? A DC  6 A DG  3 7_555 ? ? ? ? ? ? WATSON-CRICK ?     ? ? 
hydrog14 hydrog ?    ? A DC  6 N4    ? ? ? 1_555 A DG  3 O6 ? ? A DC  6 A DG  3 7_555 ? ? ? ? ? ? WATSON-CRICK ?     ? ? 
hydrog15 hydrog ?    ? A DC  6 O2    ? ? ? 1_555 A DG  3 N2 ? ? A DC  6 A DG  3 7_555 ? ? ? ? ? ? WATSON-CRICK ?     ? ? 
hydrog16 hydrog ?    ? A DA  7 N1    ? ? ? 1_555 A UMS 2 N3 ? ? A DA  7 A UMS 2 7_555 ? ? ? ? ? ? WATSON-CRICK ?     ? ? 
hydrog17 hydrog ?    ? A DA  7 N6    ? ? ? 1_555 A UMS 2 O4 ? ? A DA  7 A UMS 2 7_555 ? ? ? ? ? ? WATSON-CRICK ?     ? ? 
hydrog18 hydrog ?    ? A DC  8 N3    ? ? ? 1_555 A DG  1 N1 ? ? A DC  8 A DG  1 7_555 ? ? ? ? ? ? WATSON-CRICK ?     ? ? 
hydrog19 hydrog ?    ? A DC  8 N4    ? ? ? 1_555 A DG  1 O6 ? ? A DC  8 A DG  1 7_555 ? ? ? ? ? ? WATSON-CRICK ?     ? ? 
hydrog20 hydrog ?    ? A DC  8 O2    ? ? ? 1_555 A DG  1 N2 ? ? A DC  8 A DG  1 7_555 ? ? ? ? ? ? WATSON-CRICK ?     ? ? 
# 
loop_
_struct_conn_type.id 
_struct_conn_type.criteria 
_struct_conn_type.reference 
covale ? ? 
hydrog ? ? 
# 
_struct_site.id                   AC1 
_struct_site.pdbx_evidence_code   Software 
_struct_site.pdbx_auth_asym_id    A 
_struct_site.pdbx_auth_comp_id    SPM 
_struct_site.pdbx_auth_seq_id     50 
_struct_site.pdbx_auth_ins_code   ? 
_struct_site.pdbx_num_residues    5 
_struct_site.details              'BINDING SITE FOR RESIDUE SPM A 50' 
# 
loop_
_struct_site_gen.id 
_struct_site_gen.site_id 
_struct_site_gen.pdbx_num_res 
_struct_site_gen.label_comp_id 
_struct_site_gen.label_asym_id 
_struct_site_gen.label_seq_id 
_struct_site_gen.pdbx_auth_ins_code 
_struct_site_gen.auth_comp_id 
_struct_site_gen.auth_asym_id 
_struct_site_gen.auth_seq_id 
_struct_site_gen.label_atom_id 
_struct_site_gen.label_alt_id 
_struct_site_gen.symmetry 
_struct_site_gen.details 
1 AC1 5 DC  A 6 ? DC  A 6  . ? 1_555 ? 
2 AC1 5 DA  A 7 ? DA  A 7  . ? 1_555 ? 
3 AC1 5 HOH C . ? HOH A 52 . ? 3_644 ? 
4 AC1 5 HOH C . ? HOH A 61 . ? 7_555 ? 
5 AC1 5 HOH C . ? HOH A 78 . ? 1_555 ? 
# 
loop_
_pdbx_validate_rmsd_angle.id 
_pdbx_validate_rmsd_angle.PDB_model_num 
_pdbx_validate_rmsd_angle.auth_atom_id_1 
_pdbx_validate_rmsd_angle.auth_asym_id_1 
_pdbx_validate_rmsd_angle.auth_comp_id_1 
_pdbx_validate_rmsd_angle.auth_seq_id_1 
_pdbx_validate_rmsd_angle.PDB_ins_code_1 
_pdbx_validate_rmsd_angle.label_alt_id_1 
_pdbx_validate_rmsd_angle.auth_atom_id_2 
_pdbx_validate_rmsd_angle.auth_asym_id_2 
_pdbx_validate_rmsd_angle.auth_comp_id_2 
_pdbx_validate_rmsd_angle.auth_seq_id_2 
_pdbx_validate_rmsd_angle.PDB_ins_code_2 
_pdbx_validate_rmsd_angle.label_alt_id_2 
_pdbx_validate_rmsd_angle.auth_atom_id_3 
_pdbx_validate_rmsd_angle.auth_asym_id_3 
_pdbx_validate_rmsd_angle.auth_comp_id_3 
_pdbx_validate_rmsd_angle.auth_seq_id_3 
_pdbx_validate_rmsd_angle.PDB_ins_code_3 
_pdbx_validate_rmsd_angle.label_alt_id_3 
_pdbx_validate_rmsd_angle.angle_value 
_pdbx_validate_rmsd_angle.angle_target_value 
_pdbx_validate_rmsd_angle.angle_deviation 
_pdbx_validate_rmsd_angle.angle_standard_deviation 
_pdbx_validate_rmsd_angle.linker_flag 
1 1 "O4'" A DG 1 ? ? "C1'" A DG 1 ? ? N9 A DG 1 ? ? 101.88 108.00 -6.12 0.70 N 
2 1 "O4'" A DG 3 ? ? "C1'" A DG 3 ? ? N9 A DG 3 ? ? 102.27 108.00 -5.73 0.70 N 
3 1 "O4'" A DT 4 ? ? "C1'" A DT 4 ? ? N1 A DT 4 ? ? 102.02 108.00 -5.98 0.70 N 
# 
_pdbx_validate_planes.id              1 
_pdbx_validate_planes.PDB_model_num   1 
_pdbx_validate_planes.auth_comp_id    DC 
_pdbx_validate_planes.auth_asym_id    A 
_pdbx_validate_planes.auth_seq_id     8 
_pdbx_validate_planes.PDB_ins_code    ? 
_pdbx_validate_planes.label_alt_id    ? 
_pdbx_validate_planes.rmsd            0.066 
_pdbx_validate_planes.type            'SIDE CHAIN' 
# 
_pdbx_struct_mod_residue.id               1 
_pdbx_struct_mod_residue.label_asym_id    A 
_pdbx_struct_mod_residue.label_comp_id    UMS 
_pdbx_struct_mod_residue.label_seq_id     2 
_pdbx_struct_mod_residue.auth_asym_id     A 
_pdbx_struct_mod_residue.auth_comp_id     UMS 
_pdbx_struct_mod_residue.auth_seq_id      2 
_pdbx_struct_mod_residue.PDB_ins_code     ? 
_pdbx_struct_mod_residue.parent_comp_id   DU 
_pdbx_struct_mod_residue.details          ? 
# 
_pdbx_struct_special_symmetry.id              1 
_pdbx_struct_special_symmetry.PDB_model_num   1 
_pdbx_struct_special_symmetry.auth_asym_id    A 
_pdbx_struct_special_symmetry.auth_comp_id    HOH 
_pdbx_struct_special_symmetry.auth_seq_id     82 
_pdbx_struct_special_symmetry.PDB_ins_code    ? 
_pdbx_struct_special_symmetry.label_asym_id   C 
_pdbx_struct_special_symmetry.label_comp_id   HOH 
_pdbx_struct_special_symmetry.label_seq_id    . 
# 
loop_
_chem_comp_atom.comp_id 
_chem_comp_atom.atom_id 
_chem_comp_atom.type_symbol 
_chem_comp_atom.pdbx_aromatic_flag 
_chem_comp_atom.pdbx_stereo_config 
_chem_comp_atom.pdbx_ordinal 
DA  OP3    O  N N 1   
DA  P      P  N N 2   
DA  OP1    O  N N 3   
DA  OP2    O  N N 4   
DA  "O5'"  O  N N 5   
DA  "C5'"  C  N N 6   
DA  "C4'"  C  N R 7   
DA  "O4'"  O  N N 8   
DA  "C3'"  C  N S 9   
DA  "O3'"  O  N N 10  
DA  "C2'"  C  N N 11  
DA  "C1'"  C  N R 12  
DA  N9     N  Y N 13  
DA  C8     C  Y N 14  
DA  N7     N  Y N 15  
DA  C5     C  Y N 16  
DA  C6     C  Y N 17  
DA  N6     N  N N 18  
DA  N1     N  Y N 19  
DA  C2     C  Y N 20  
DA  N3     N  Y N 21  
DA  C4     C  Y N 22  
DA  HOP3   H  N N 23  
DA  HOP2   H  N N 24  
DA  "H5'"  H  N N 25  
DA  "H5''" H  N N 26  
DA  "H4'"  H  N N 27  
DA  "H3'"  H  N N 28  
DA  "HO3'" H  N N 29  
DA  "H2'"  H  N N 30  
DA  "H2''" H  N N 31  
DA  "H1'"  H  N N 32  
DA  H8     H  N N 33  
DA  H61    H  N N 34  
DA  H62    H  N N 35  
DA  H2     H  N N 36  
DC  OP3    O  N N 37  
DC  P      P  N N 38  
DC  OP1    O  N N 39  
DC  OP2    O  N N 40  
DC  "O5'"  O  N N 41  
DC  "C5'"  C  N N 42  
DC  "C4'"  C  N R 43  
DC  "O4'"  O  N N 44  
DC  "C3'"  C  N S 45  
DC  "O3'"  O  N N 46  
DC  "C2'"  C  N N 47  
DC  "C1'"  C  N R 48  
DC  N1     N  N N 49  
DC  C2     C  N N 50  
DC  O2     O  N N 51  
DC  N3     N  N N 52  
DC  C4     C  N N 53  
DC  N4     N  N N 54  
DC  C5     C  N N 55  
DC  C6     C  N N 56  
DC  HOP3   H  N N 57  
DC  HOP2   H  N N 58  
DC  "H5'"  H  N N 59  
DC  "H5''" H  N N 60  
DC  "H4'"  H  N N 61  
DC  "H3'"  H  N N 62  
DC  "HO3'" H  N N 63  
DC  "H2'"  H  N N 64  
DC  "H2''" H  N N 65  
DC  "H1'"  H  N N 66  
DC  H41    H  N N 67  
DC  H42    H  N N 68  
DC  H5     H  N N 69  
DC  H6     H  N N 70  
DG  OP3    O  N N 71  
DG  P      P  N N 72  
DG  OP1    O  N N 73  
DG  OP2    O  N N 74  
DG  "O5'"  O  N N 75  
DG  "C5'"  C  N N 76  
DG  "C4'"  C  N R 77  
DG  "O4'"  O  N N 78  
DG  "C3'"  C  N S 79  
DG  "O3'"  O  N N 80  
DG  "C2'"  C  N N 81  
DG  "C1'"  C  N R 82  
DG  N9     N  Y N 83  
DG  C8     C  Y N 84  
DG  N7     N  Y N 85  
DG  C5     C  Y N 86  
DG  C6     C  N N 87  
DG  O6     O  N N 88  
DG  N1     N  N N 89  
DG  C2     C  N N 90  
DG  N2     N  N N 91  
DG  N3     N  N N 92  
DG  C4     C  Y N 93  
DG  HOP3   H  N N 94  
DG  HOP2   H  N N 95  
DG  "H5'"  H  N N 96  
DG  "H5''" H  N N 97  
DG  "H4'"  H  N N 98  
DG  "H3'"  H  N N 99  
DG  "HO3'" H  N N 100 
DG  "H2'"  H  N N 101 
DG  "H2''" H  N N 102 
DG  "H1'"  H  N N 103 
DG  H8     H  N N 104 
DG  H1     H  N N 105 
DG  H21    H  N N 106 
DG  H22    H  N N 107 
DT  OP3    O  N N 108 
DT  P      P  N N 109 
DT  OP1    O  N N 110 
DT  OP2    O  N N 111 
DT  "O5'"  O  N N 112 
DT  "C5'"  C  N N 113 
DT  "C4'"  C  N R 114 
DT  "O4'"  O  N N 115 
DT  "C3'"  C  N S 116 
DT  "O3'"  O  N N 117 
DT  "C2'"  C  N N 118 
DT  "C1'"  C  N R 119 
DT  N1     N  N N 120 
DT  C2     C  N N 121 
DT  O2     O  N N 122 
DT  N3     N  N N 123 
DT  C4     C  N N 124 
DT  O4     O  N N 125 
DT  C5     C  N N 126 
DT  C7     C  N N 127 
DT  C6     C  N N 128 
DT  HOP3   H  N N 129 
DT  HOP2   H  N N 130 
DT  "H5'"  H  N N 131 
DT  "H5''" H  N N 132 
DT  "H4'"  H  N N 133 
DT  "H3'"  H  N N 134 
DT  "HO3'" H  N N 135 
DT  "H2'"  H  N N 136 
DT  "H2''" H  N N 137 
DT  "H1'"  H  N N 138 
DT  H3     H  N N 139 
DT  H71    H  N N 140 
DT  H72    H  N N 141 
DT  H73    H  N N 142 
DT  H6     H  N N 143 
HOH O      O  N N 144 
HOH H1     H  N N 145 
HOH H2     H  N N 146 
SPM N1     N  N N 147 
SPM C2     C  N N 148 
SPM C3     C  N N 149 
SPM C4     C  N N 150 
SPM N5     N  N N 151 
SPM C6     C  N N 152 
SPM C7     C  N N 153 
SPM C8     C  N N 154 
SPM C9     C  N N 155 
SPM N10    N  N N 156 
SPM C11    C  N N 157 
SPM C12    C  N N 158 
SPM C13    C  N N 159 
SPM N14    N  N N 160 
SPM HN11   H  N N 161 
SPM HN12   H  N N 162 
SPM H21    H  N N 163 
SPM H22    H  N N 164 
SPM H31    H  N N 165 
SPM H32    H  N N 166 
SPM H41    H  N N 167 
SPM H42    H  N N 168 
SPM HN5    H  N N 169 
SPM H61    H  N N 170 
SPM H62    H  N N 171 
SPM H71    H  N N 172 
SPM H72    H  N N 173 
SPM H81    H  N N 174 
SPM H82    H  N N 175 
SPM H91    H  N N 176 
SPM H92    H  N N 177 
SPM HN0    H  N N 178 
SPM H111   H  N N 179 
SPM H112   H  N N 180 
SPM H121   H  N N 181 
SPM H122   H  N N 182 
SPM H131   H  N N 183 
SPM H132   H  N N 184 
SPM HN41   H  N N 185 
SPM HN42   H  N N 186 
UMS OP3    O  N N 187 
UMS P      P  N N 188 
UMS OP1    O  N N 189 
UMS OP2    O  N N 190 
UMS "O5'"  O  N N 191 
UMS "C5'"  C  N N 192 
UMS "C4'"  C  N R 193 
UMS "O4'"  O  N N 194 
UMS "C3'"  C  N R 195 
UMS "O3'"  O  N N 196 
UMS "C2'"  C  N R 197 
UMS "SE2'" SE N N 198 
UMS "C1'"  C  N R 199 
UMS "CA'"  C  N N 200 
UMS N1     N  N N 201 
UMS C2     C  N N 202 
UMS O2     O  N N 203 
UMS N3     N  N N 204 
UMS C4     C  N N 205 
UMS O4     O  N N 206 
UMS C5     C  N N 207 
UMS C6     C  N N 208 
UMS HOP3   H  N N 209 
UMS HOP2   H  N N 210 
UMS "H5'"  H  N N 211 
UMS "H5'2" H  N N 212 
UMS "H4'"  H  N N 213 
UMS "H3'"  H  N N 214 
UMS "HO3'" H  N N 215 
UMS "H2'"  H  N N 216 
UMS "H1'"  H  N N 217 
UMS "HA'"  H  N N 218 
UMS "HA'2" H  N N 219 
UMS "HA'3" H  N N 220 
UMS H3     H  N N 221 
UMS H5     H  N N 222 
UMS H6     H  N N 223 
# 
loop_
_chem_comp_bond.comp_id 
_chem_comp_bond.atom_id_1 
_chem_comp_bond.atom_id_2 
_chem_comp_bond.value_order 
_chem_comp_bond.pdbx_aromatic_flag 
_chem_comp_bond.pdbx_stereo_config 
_chem_comp_bond.pdbx_ordinal 
DA  OP3    P      sing N N 1   
DA  OP3    HOP3   sing N N 2   
DA  P      OP1    doub N N 3   
DA  P      OP2    sing N N 4   
DA  P      "O5'"  sing N N 5   
DA  OP2    HOP2   sing N N 6   
DA  "O5'"  "C5'"  sing N N 7   
DA  "C5'"  "C4'"  sing N N 8   
DA  "C5'"  "H5'"  sing N N 9   
DA  "C5'"  "H5''" sing N N 10  
DA  "C4'"  "O4'"  sing N N 11  
DA  "C4'"  "C3'"  sing N N 12  
DA  "C4'"  "H4'"  sing N N 13  
DA  "O4'"  "C1'"  sing N N 14  
DA  "C3'"  "O3'"  sing N N 15  
DA  "C3'"  "C2'"  sing N N 16  
DA  "C3'"  "H3'"  sing N N 17  
DA  "O3'"  "HO3'" sing N N 18  
DA  "C2'"  "C1'"  sing N N 19  
DA  "C2'"  "H2'"  sing N N 20  
DA  "C2'"  "H2''" sing N N 21  
DA  "C1'"  N9     sing N N 22  
DA  "C1'"  "H1'"  sing N N 23  
DA  N9     C8     sing Y N 24  
DA  N9     C4     sing Y N 25  
DA  C8     N7     doub Y N 26  
DA  C8     H8     sing N N 27  
DA  N7     C5     sing Y N 28  
DA  C5     C6     sing Y N 29  
DA  C5     C4     doub Y N 30  
DA  C6     N6     sing N N 31  
DA  C6     N1     doub Y N 32  
DA  N6     H61    sing N N 33  
DA  N6     H62    sing N N 34  
DA  N1     C2     sing Y N 35  
DA  C2     N3     doub Y N 36  
DA  C2     H2     sing N N 37  
DA  N3     C4     sing Y N 38  
DC  OP3    P      sing N N 39  
DC  OP3    HOP3   sing N N 40  
DC  P      OP1    doub N N 41  
DC  P      OP2    sing N N 42  
DC  P      "O5'"  sing N N 43  
DC  OP2    HOP2   sing N N 44  
DC  "O5'"  "C5'"  sing N N 45  
DC  "C5'"  "C4'"  sing N N 46  
DC  "C5'"  "H5'"  sing N N 47  
DC  "C5'"  "H5''" sing N N 48  
DC  "C4'"  "O4'"  sing N N 49  
DC  "C4'"  "C3'"  sing N N 50  
DC  "C4'"  "H4'"  sing N N 51  
DC  "O4'"  "C1'"  sing N N 52  
DC  "C3'"  "O3'"  sing N N 53  
DC  "C3'"  "C2'"  sing N N 54  
DC  "C3'"  "H3'"  sing N N 55  
DC  "O3'"  "HO3'" sing N N 56  
DC  "C2'"  "C1'"  sing N N 57  
DC  "C2'"  "H2'"  sing N N 58  
DC  "C2'"  "H2''" sing N N 59  
DC  "C1'"  N1     sing N N 60  
DC  "C1'"  "H1'"  sing N N 61  
DC  N1     C2     sing N N 62  
DC  N1     C6     sing N N 63  
DC  C2     O2     doub N N 64  
DC  C2     N3     sing N N 65  
DC  N3     C4     doub N N 66  
DC  C4     N4     sing N N 67  
DC  C4     C5     sing N N 68  
DC  N4     H41    sing N N 69  
DC  N4     H42    sing N N 70  
DC  C5     C6     doub N N 71  
DC  C5     H5     sing N N 72  
DC  C6     H6     sing N N 73  
DG  OP3    P      sing N N 74  
DG  OP3    HOP3   sing N N 75  
DG  P      OP1    doub N N 76  
DG  P      OP2    sing N N 77  
DG  P      "O5'"  sing N N 78  
DG  OP2    HOP2   sing N N 79  
DG  "O5'"  "C5'"  sing N N 80  
DG  "C5'"  "C4'"  sing N N 81  
DG  "C5'"  "H5'"  sing N N 82  
DG  "C5'"  "H5''" sing N N 83  
DG  "C4'"  "O4'"  sing N N 84  
DG  "C4'"  "C3'"  sing N N 85  
DG  "C4'"  "H4'"  sing N N 86  
DG  "O4'"  "C1'"  sing N N 87  
DG  "C3'"  "O3'"  sing N N 88  
DG  "C3'"  "C2'"  sing N N 89  
DG  "C3'"  "H3'"  sing N N 90  
DG  "O3'"  "HO3'" sing N N 91  
DG  "C2'"  "C1'"  sing N N 92  
DG  "C2'"  "H2'"  sing N N 93  
DG  "C2'"  "H2''" sing N N 94  
DG  "C1'"  N9     sing N N 95  
DG  "C1'"  "H1'"  sing N N 96  
DG  N9     C8     sing Y N 97  
DG  N9     C4     sing Y N 98  
DG  C8     N7     doub Y N 99  
DG  C8     H8     sing N N 100 
DG  N7     C5     sing Y N 101 
DG  C5     C6     sing N N 102 
DG  C5     C4     doub Y N 103 
DG  C6     O6     doub N N 104 
DG  C6     N1     sing N N 105 
DG  N1     C2     sing N N 106 
DG  N1     H1     sing N N 107 
DG  C2     N2     sing N N 108 
DG  C2     N3     doub N N 109 
DG  N2     H21    sing N N 110 
DG  N2     H22    sing N N 111 
DG  N3     C4     sing N N 112 
DT  OP3    P      sing N N 113 
DT  OP3    HOP3   sing N N 114 
DT  P      OP1    doub N N 115 
DT  P      OP2    sing N N 116 
DT  P      "O5'"  sing N N 117 
DT  OP2    HOP2   sing N N 118 
DT  "O5'"  "C5'"  sing N N 119 
DT  "C5'"  "C4'"  sing N N 120 
DT  "C5'"  "H5'"  sing N N 121 
DT  "C5'"  "H5''" sing N N 122 
DT  "C4'"  "O4'"  sing N N 123 
DT  "C4'"  "C3'"  sing N N 124 
DT  "C4'"  "H4'"  sing N N 125 
DT  "O4'"  "C1'"  sing N N 126 
DT  "C3'"  "O3'"  sing N N 127 
DT  "C3'"  "C2'"  sing N N 128 
DT  "C3'"  "H3'"  sing N N 129 
DT  "O3'"  "HO3'" sing N N 130 
DT  "C2'"  "C1'"  sing N N 131 
DT  "C2'"  "H2'"  sing N N 132 
DT  "C2'"  "H2''" sing N N 133 
DT  "C1'"  N1     sing N N 134 
DT  "C1'"  "H1'"  sing N N 135 
DT  N1     C2     sing N N 136 
DT  N1     C6     sing N N 137 
DT  C2     O2     doub N N 138 
DT  C2     N3     sing N N 139 
DT  N3     C4     sing N N 140 
DT  N3     H3     sing N N 141 
DT  C4     O4     doub N N 142 
DT  C4     C5     sing N N 143 
DT  C5     C7     sing N N 144 
DT  C5     C6     doub N N 145 
DT  C7     H71    sing N N 146 
DT  C7     H72    sing N N 147 
DT  C7     H73    sing N N 148 
DT  C6     H6     sing N N 149 
HOH O      H1     sing N N 150 
HOH O      H2     sing N N 151 
SPM N1     C2     sing N N 152 
SPM N1     HN11   sing N N 153 
SPM N1     HN12   sing N N 154 
SPM C2     C3     sing N N 155 
SPM C2     H21    sing N N 156 
SPM C2     H22    sing N N 157 
SPM C3     C4     sing N N 158 
SPM C3     H31    sing N N 159 
SPM C3     H32    sing N N 160 
SPM C4     N5     sing N N 161 
SPM C4     H41    sing N N 162 
SPM C4     H42    sing N N 163 
SPM N5     C6     sing N N 164 
SPM N5     HN5    sing N N 165 
SPM C6     C7     sing N N 166 
SPM C6     H61    sing N N 167 
SPM C6     H62    sing N N 168 
SPM C7     C8     sing N N 169 
SPM C7     H71    sing N N 170 
SPM C7     H72    sing N N 171 
SPM C8     C9     sing N N 172 
SPM C8     H81    sing N N 173 
SPM C8     H82    sing N N 174 
SPM C9     N10    sing N N 175 
SPM C9     H91    sing N N 176 
SPM C9     H92    sing N N 177 
SPM N10    C11    sing N N 178 
SPM N10    HN0    sing N N 179 
SPM C11    C12    sing N N 180 
SPM C11    H111   sing N N 181 
SPM C11    H112   sing N N 182 
SPM C12    C13    sing N N 183 
SPM C12    H121   sing N N 184 
SPM C12    H122   sing N N 185 
SPM C13    N14    sing N N 186 
SPM C13    H131   sing N N 187 
SPM C13    H132   sing N N 188 
SPM N14    HN41   sing N N 189 
SPM N14    HN42   sing N N 190 
UMS OP3    P      sing N N 191 
UMS OP3    HOP3   sing N N 192 
UMS P      OP1    doub N N 193 
UMS P      OP2    sing N N 194 
UMS P      "O5'"  sing N N 195 
UMS OP2    HOP2   sing N N 196 
UMS "O5'"  "C5'"  sing N N 197 
UMS "C5'"  "C4'"  sing N N 198 
UMS "C5'"  "H5'"  sing N N 199 
UMS "C5'"  "H5'2" sing N N 200 
UMS "C4'"  "O4'"  sing N N 201 
UMS "C4'"  "C3'"  sing N N 202 
UMS "C4'"  "H4'"  sing N N 203 
UMS "O4'"  "C1'"  sing N N 204 
UMS "C3'"  "O3'"  sing N N 205 
UMS "C3'"  "C2'"  sing N N 206 
UMS "C3'"  "H3'"  sing N N 207 
UMS "O3'"  "HO3'" sing N N 208 
UMS "C2'"  "SE2'" sing N N 209 
UMS "C2'"  "C1'"  sing N N 210 
UMS "C2'"  "H2'"  sing N N 211 
UMS "SE2'" "CA'"  sing N N 212 
UMS "C1'"  N1     sing N N 213 
UMS "C1'"  "H1'"  sing N N 214 
UMS "CA'"  "HA'"  sing N N 215 
UMS "CA'"  "HA'2" sing N N 216 
UMS "CA'"  "HA'3" sing N N 217 
UMS N1     C2     sing N N 218 
UMS N1     C6     sing N N 219 
UMS C2     O2     doub N N 220 
UMS C2     N3     sing N N 221 
UMS N3     C4     sing N N 222 
UMS N3     H3     sing N N 223 
UMS C4     O4     doub N N 224 
UMS C4     C5     sing N N 225 
UMS C5     C6     doub N N 226 
UMS C5     H5     sing N N 227 
UMS C6     H6     sing N N 228 
# 
_ndb_struct_conf_na.entry_id   1Z7I 
_ndb_struct_conf_na.feature    'a-form double helix' 
# 
loop_
_ndb_struct_na_base_pair.model_number 
_ndb_struct_na_base_pair.i_label_asym_id 
_ndb_struct_na_base_pair.i_label_comp_id 
_ndb_struct_na_base_pair.i_label_seq_id 
_ndb_struct_na_base_pair.i_symmetry 
_ndb_struct_na_base_pair.j_label_asym_id 
_ndb_struct_na_base_pair.j_label_comp_id 
_ndb_struct_na_base_pair.j_label_seq_id 
_ndb_struct_na_base_pair.j_symmetry 
_ndb_struct_na_base_pair.shear 
_ndb_struct_na_base_pair.stretch 
_ndb_struct_na_base_pair.stagger 
_ndb_struct_na_base_pair.buckle 
_ndb_struct_na_base_pair.propeller 
_ndb_struct_na_base_pair.opening 
_ndb_struct_na_base_pair.pair_number 
_ndb_struct_na_base_pair.pair_name 
_ndb_struct_na_base_pair.i_auth_asym_id 
_ndb_struct_na_base_pair.i_auth_seq_id 
_ndb_struct_na_base_pair.i_PDB_ins_code 
_ndb_struct_na_base_pair.j_auth_asym_id 
_ndb_struct_na_base_pair.j_auth_seq_id 
_ndb_struct_na_base_pair.j_PDB_ins_code 
_ndb_struct_na_base_pair.hbond_type_28 
_ndb_struct_na_base_pair.hbond_type_12 
1 A DG  1 1_555 A DC  8 7_555 -0.273 -0.113 -0.248 -16.737 -13.029 -1.719 1 A_DG1:DC8_A  A 1 ? A 8 ? 19 1 
1 A UMS 2 1_555 A DA  7 7_555 -0.055 -0.099 0.148  -7.610  -12.053 2.877  2 A_UMS2:DA7_A A 2 ? A 7 ? 20 1 
1 A DG  3 1_555 A DC  6 7_555 -0.255 -0.136 0.188  -3.852  -12.627 2.289  3 A_DG3:DC6_A  A 3 ? A 6 ? 19 1 
1 A DT  4 1_555 A DA  5 7_555 -0.094 -0.138 0.208  -2.817  -11.481 -4.402 4 A_DT4:DA5_A  A 4 ? A 5 ? 20 1 
1 A DA  5 1_555 A DT  4 7_555 0.094  -0.138 0.208  2.817   -11.481 -4.402 5 A_DA5:DT4_A  A 5 ? A 4 ? 20 1 
1 A DC  6 1_555 A DG  3 7_555 0.255  -0.136 0.188  3.852   -12.627 2.289  6 A_DC6:DG3_A  A 6 ? A 3 ? 19 1 
1 A DA  7 1_555 A UMS 2 7_555 0.055  -0.099 0.148  7.610   -12.053 2.877  7 A_DA7:UMS2_A A 7 ? A 2 ? 20 1 
1 A DC  8 1_555 A DG  1 7_555 0.273  -0.113 -0.248 16.737  -13.029 -1.719 8 A_DC8:DG1_A  A 8 ? A 1 ? 19 1 
# 
loop_
_ndb_struct_na_base_pair_step.model_number 
_ndb_struct_na_base_pair_step.i_label_asym_id_1 
_ndb_struct_na_base_pair_step.i_label_comp_id_1 
_ndb_struct_na_base_pair_step.i_label_seq_id_1 
_ndb_struct_na_base_pair_step.i_symmetry_1 
_ndb_struct_na_base_pair_step.j_label_asym_id_1 
_ndb_struct_na_base_pair_step.j_label_comp_id_1 
_ndb_struct_na_base_pair_step.j_label_seq_id_1 
_ndb_struct_na_base_pair_step.j_symmetry_1 
_ndb_struct_na_base_pair_step.i_label_asym_id_2 
_ndb_struct_na_base_pair_step.i_label_comp_id_2 
_ndb_struct_na_base_pair_step.i_label_seq_id_2 
_ndb_struct_na_base_pair_step.i_symmetry_2 
_ndb_struct_na_base_pair_step.j_label_asym_id_2 
_ndb_struct_na_base_pair_step.j_label_comp_id_2 
_ndb_struct_na_base_pair_step.j_label_seq_id_2 
_ndb_struct_na_base_pair_step.j_symmetry_2 
_ndb_struct_na_base_pair_step.shift 
_ndb_struct_na_base_pair_step.slide 
_ndb_struct_na_base_pair_step.rise 
_ndb_struct_na_base_pair_step.tilt 
_ndb_struct_na_base_pair_step.roll 
_ndb_struct_na_base_pair_step.twist 
_ndb_struct_na_base_pair_step.x_displacement 
_ndb_struct_na_base_pair_step.y_displacement 
_ndb_struct_na_base_pair_step.helical_rise 
_ndb_struct_na_base_pair_step.inclination 
_ndb_struct_na_base_pair_step.tip 
_ndb_struct_na_base_pair_step.helical_twist 
_ndb_struct_na_base_pair_step.step_number 
_ndb_struct_na_base_pair_step.step_name 
_ndb_struct_na_base_pair_step.i_auth_asym_id_1 
_ndb_struct_na_base_pair_step.i_auth_seq_id_1 
_ndb_struct_na_base_pair_step.i_PDB_ins_code_1 
_ndb_struct_na_base_pair_step.j_auth_asym_id_1 
_ndb_struct_na_base_pair_step.j_auth_seq_id_1 
_ndb_struct_na_base_pair_step.j_PDB_ins_code_1 
_ndb_struct_na_base_pair_step.i_auth_asym_id_2 
_ndb_struct_na_base_pair_step.i_auth_seq_id_2 
_ndb_struct_na_base_pair_step.i_PDB_ins_code_2 
_ndb_struct_na_base_pair_step.j_auth_asym_id_2 
_ndb_struct_na_base_pair_step.j_auth_seq_id_2 
_ndb_struct_na_base_pair_step.j_PDB_ins_code_2 
1 A DG  1 1_555 A DC  8 7_555 A UMS 2 1_555 A DA  7 7_555 0.530  -0.955 3.151 -1.854 13.355 29.525 -3.831 -1.245 2.464 24.651 
3.421  32.396 1 AA_DG1UMS2:DA7DC8_AA A 1 ? A 8 ? A 2 ? A 7 ? 
1 A UMS 2 1_555 A DA  7 7_555 A DG  3 1_555 A DC  6 7_555 0.648  -1.399 3.015 0.871  13.430 29.267 -4.536 -1.040 2.196 24.981 
-1.620 32.152 2 AA_UMS2DG3:DC6DA7_AA A 2 ? A 7 ? A 3 ? A 6 ? 
1 A DG  3 1_555 A DC  6 7_555 A DT  4 1_555 A DA  5 7_555 -0.436 -1.435 3.252 1.037  1.208  36.346 -2.464 0.840  3.191 1.935  
-1.661 36.379 3 AA_DG3DT4:DA5DC6_AA  A 3 ? A 6 ? A 4 ? A 5 ? 
1 A DT  4 1_555 A DA  5 7_555 A DA  5 1_555 A DT  4 7_555 0.000  -1.437 3.013 0.000  7.930  29.803 -4.044 0.000  2.555 15.086 
0.000  30.817 4 AA_DT4DA5:DT4DA5_AA  A 4 ? A 5 ? A 5 ? A 4 ? 
1 A DA  5 1_555 A DT  4 7_555 A DC  6 1_555 A DG  3 7_555 0.436  -1.435 3.252 -1.037 1.208  36.346 -2.464 -0.840 3.191 1.935  
1.661  36.379 5 AA_DA5DC6:DG3DT4_AA  A 5 ? A 4 ? A 6 ? A 3 ? 
1 A DC  6 1_555 A DG  3 7_555 A DA  7 1_555 A UMS 2 7_555 -0.648 -1.399 3.015 -0.871 13.430 29.267 -4.536 1.040  2.196 24.981 
1.620  32.152 6 AA_DC6DA7:UMS2DG3_AA A 6 ? A 3 ? A 7 ? A 2 ? 
1 A DA  7 1_555 A UMS 2 7_555 A DC  8 1_555 A DG  1 7_555 -0.530 -0.955 3.151 1.854  13.355 29.525 -3.831 1.245  2.464 24.651 
-3.421 32.396 7 AA_DA7DC8:DG1UMS2_AA A 7 ? A 2 ? A 8 ? A 1 ? 
# 
_atom_sites.entry_id                    1Z7I 
_atom_sites.fract_transf_matrix[1][1]   0.02004949 
_atom_sites.fract_transf_matrix[1][2]   -0.01085355 
_atom_sites.fract_transf_matrix[1][3]   -0.00671481 
_atom_sites.fract_transf_matrix[2][1]   -0.00354539 
_atom_sites.fract_transf_matrix[2][2]   0.00727584 
_atom_sites.fract_transf_matrix[2][3]   -0.02234642 
_atom_sites.fract_transf_matrix[3][1]   0.02155263 
_atom_sites.fract_transf_matrix[3][2]   0.03489919 
_atom_sites.fract_transf_matrix[3][3]   0.00794348 
_atom_sites.fract_transf_vector[1]      0.730275 
_atom_sites.fract_transf_vector[2]      0.733291 
_atom_sites.fract_transf_vector[3]      -0.114157 
# 
loop_
_atom_type.symbol 
C  
N  
O  
P  
SE 
# 
loop_
_atom_site.group_PDB 
_atom_site.id 
_atom_site.type_symbol 
_atom_site.label_atom_id 
_atom_site.label_alt_id 
_atom_site.label_comp_id 
_atom_site.label_asym_id 
_atom_site.label_entity_id 
_atom_site.label_seq_id 
_atom_site.pdbx_PDB_ins_code 
_atom_site.Cartn_x 
_atom_site.Cartn_y 
_atom_site.Cartn_z 
_atom_site.occupancy 
_atom_site.B_iso_or_equiv 
_atom_site.pdbx_formal_charge 
_atom_site.auth_seq_id 
_atom_site.auth_comp_id 
_atom_site.auth_asym_id 
_atom_site.auth_atom_id 
_atom_site.pdbx_PDB_model_num 
ATOM   1   O  "O5'"  . DG  A 1 1 ? -5.134  11.315  7.128  1.00 13.26 ? 1  DG  A "O5'"  1 
ATOM   2   C  "C5'"  . DG  A 1 1 ? -6.397  11.790  7.570  1.00 12.18 ? 1  DG  A "C5'"  1 
ATOM   3   C  "C4'"  . DG  A 1 1 ? -7.483  11.724  6.515  1.00 11.12 ? 1  DG  A "C4'"  1 
ATOM   4   O  "O4'"  . DG  A 1 1 ? -7.099  12.684  5.499  1.00 11.04 ? 1  DG  A "O4'"  1 
ATOM   5   C  "C3'"  . DG  A 1 1 ? -7.617  10.415  5.751  1.00 10.74 ? 1  DG  A "C3'"  1 
ATOM   6   O  "O3'"  . DG  A 1 1 ? -8.482  9.514   6.380  1.00 11.07 ? 1  DG  A "O3'"  1 
ATOM   7   C  "C2'"  . DG  A 1 1 ? -8.139  10.872  4.391  1.00 10.32 ? 1  DG  A "C2'"  1 
ATOM   8   C  "C1'"  . DG  A 1 1 ? -7.542  12.250  4.198  1.00 10.12 ? 1  DG  A "C1'"  1 
ATOM   9   N  N9     . DG  A 1 1 ? -6.259  12.071  3.483  1.00 10.72 ? 1  DG  A N9     1 
ATOM   10  C  C8     . DG  A 1 1 ? -4.995  11.914  4.008  1.00 10.64 ? 1  DG  A C8     1 
ATOM   11  N  N7     . DG  A 1 1 ? -4.081  11.697  3.092  1.00 11.91 ? 1  DG  A N7     1 
ATOM   12  C  C5     . DG  A 1 1 ? -4.775  11.736  1.885  1.00 10.06 ? 1  DG  A C5     1 
ATOM   13  C  C6     . DG  A 1 1 ? -4.311  11.591  0.519  1.00 11.10 ? 1  DG  A C6     1 
ATOM   14  O  O6     . DG  A 1 1 ? -3.140  11.418  0.108  1.00 12.32 ? 1  DG  A O6     1 
ATOM   15  N  N1     . DG  A 1 1 ? -5.354  11.695  -0.388 1.00 11.97 ? 1  DG  A N1     1 
ATOM   16  C  C2     . DG  A 1 1 ? -6.667  11.929  -0.059 1.00 12.61 ? 1  DG  A C2     1 
ATOM   17  N  N2     . DG  A 1 1 ? -7.516  12.015  -1.079 1.00 13.73 ? 1  DG  A N2     1 
ATOM   18  N  N3     . DG  A 1 1 ? -7.114  12.074  1.183  1.00 11.55 ? 1  DG  A N3     1 
ATOM   19  C  C4     . DG  A 1 1 ? -6.118  11.968  2.098  1.00 10.74 ? 1  DG  A C4     1 
HETATM 20  P  P      . UMS A 1 2 ? -8.198  7.955   6.293  1.00 12.03 ? 2  UMS A P      1 
HETATM 21  O  OP1    . UMS A 1 2 ? -9.193  7.311   7.177  1.00 12.93 ? 2  UMS A OP1    1 
HETATM 22  O  OP2    . UMS A 1 2 ? -6.765  7.671   6.460  1.00 14.32 ? 2  UMS A OP2    1 
HETATM 23  O  "O5'"  . UMS A 1 2 ? -8.524  7.580   4.816  1.00 11.01 ? 2  UMS A "O5'"  1 
HETATM 24  C  "C5'"  . UMS A 1 2 ? -9.843  7.725   4.322  1.00 11.59 ? 2  UMS A "C5'"  1 
HETATM 25  C  "C4'"  . UMS A 1 2 ? -9.907  7.449   2.837  1.00 10.88 ? 2  UMS A "C4'"  1 
HETATM 26  O  "O4'"  . UMS A 1 2 ? -9.190  8.526   2.188  1.00 11.18 ? 2  UMS A "O4'"  1 
HETATM 27  C  "C3'"  . UMS A 1 2 ? -9.182  6.227   2.314  1.00 12.98 ? 2  UMS A "C3'"  1 
HETATM 28  O  "O3'"  . UMS A 1 2 ? -9.920  5.094   2.387  1.00 14.63 ? 2  UMS A "O3'"  1 
HETATM 29  C  "C2'"  . UMS A 1 2 ? -8.967  6.574   0.856  1.00 12.67 ? 2  UMS A "C2'"  1 
HETATM 30  SE "SE2'" . UMS A 1 2 ? -10.821 6.554   -0.154 1.00 15.41 ? 2  UMS A "SE2'" 1 
HETATM 31  C  "C1'"  . UMS A 1 2 ? -8.686  8.063   0.921  1.00 12.03 ? 2  UMS A "C1'"  1 
HETATM 32  C  "CA'"  . UMS A 1 2 ? -10.175 6.797   -1.884 1.00 15.97 ? 2  UMS A "CA'"  1 
HETATM 33  N  N1     . UMS A 1 2 ? -7.175  8.167   1.090  1.00 11.49 ? 2  UMS A N1     1 
HETATM 34  C  C2     . UMS A 1 2 ? -6.462  8.151   -0.098 1.00 11.16 ? 2  UMS A C2     1 
HETATM 35  O  O2     . UMS A 1 2 ? -7.001  8.033   -1.186 1.00 13.11 ? 2  UMS A O2     1 
HETATM 36  N  N3     . UMS A 1 2 ? -5.099  8.248   0.021  1.00 10.81 ? 2  UMS A N3     1 
HETATM 37  C  C4     . UMS A 1 2 ? -4.377  8.313   1.186  1.00 10.10 ? 2  UMS A C4     1 
HETATM 38  O  O4     . UMS A 1 2 ? -3.149  8.375   1.144  1.00 11.76 ? 2  UMS A O4     1 
HETATM 39  C  C5     . UMS A 1 2 ? -5.171  8.299   2.406  1.00 10.90 ? 2  UMS A C5     1 
HETATM 40  C  C6     . UMS A 1 2 ? -6.518  8.248   2.304  1.00 11.43 ? 2  UMS A C6     1 
ATOM   41  P  P      . DG  A 1 3 ? -9.169  3.733   2.684  1.00 17.00 ? 3  DG  A P      1 
ATOM   42  O  OP1    . DG  A 1 3 ? -10.332 2.979   3.086  1.00 15.77 ? 3  DG  A OP1    1 
ATOM   43  O  OP2    . DG  A 1 3 ? -8.010  3.900   3.601  1.00 16.22 ? 3  DG  A OP2    1 
ATOM   44  O  "O5'"  . DG  A 1 3 ? -8.586  3.271   1.323  1.00 15.91 ? 3  DG  A "O5'"  1 
ATOM   45  C  "C5'"  . DG  A 1 3 ? -9.458  3.067   0.237  1.00 15.67 ? 3  DG  A "C5'"  1 
ATOM   46  C  "C4'"  . DG  A 1 3 ? -8.688  2.979   -1.052 1.00 14.26 ? 3  DG  A "C4'"  1 
ATOM   47  O  "O4'"  . DG  A 1 3 ? -7.964  4.239   -1.063 1.00 15.44 ? 3  DG  A "O4'"  1 
ATOM   48  C  "C3'"  . DG  A 1 3 ? -7.598  1.917   -1.162 1.00 14.21 ? 3  DG  A "C3'"  1 
ATOM   49  O  "O3'"  . DG  A 1 3 ? -8.112  0.751   -1.737 1.00 13.71 ? 3  DG  A "O3'"  1 
ATOM   50  C  "C2'"  . DG  A 1 3 ? -6.610  2.590   -2.104 1.00 14.56 ? 3  DG  A "C2'"  1 
ATOM   51  C  "C1'"  . DG  A 1 3 ? -6.850  4.093   -1.938 1.00 12.97 ? 3  DG  A "C1'"  1 
ATOM   52  N  N9     . DG  A 1 3 ? -5.729  4.544   -1.095 1.00 11.07 ? 3  DG  A N9     1 
ATOM   53  C  C8     . DG  A 1 3 ? -5.622  4.743   0.266  1.00 11.33 ? 3  DG  A C8     1 
ATOM   54  N  N7     . DG  A 1 3 ? -4.414  5.108   0.640  1.00 11.54 ? 3  DG  A N7     1 
ATOM   55  C  C5     . DG  A 1 3 ? -3.680  5.156   -0.552 1.00 8.93  ? 3  DG  A C5     1 
ATOM   56  C  C6     . DG  A 1 3 ? -2.285  5.501   -0.814 1.00 8.41  ? 3  DG  A C6     1 
ATOM   57  O  O6     . DG  A 1 3 ? -1.406  5.848   -0.004 1.00 9.75  ? 3  DG  A O6     1 
ATOM   58  N  N1     . DG  A 1 3 ? -1.979  5.397   -2.166 1.00 9.22  ? 3  DG  A N1     1 
ATOM   59  C  C2     . DG  A 1 3 ? -2.855  5.026   -3.145 1.00 8.21  ? 3  DG  A C2     1 
ATOM   60  N  N2     . DG  A 1 3 ? -2.376  4.963   -4.398 1.00 9.73  ? 3  DG  A N2     1 
ATOM   61  N  N3     . DG  A 1 3 ? -4.122  4.726   -2.927 1.00 10.39 ? 3  DG  A N3     1 
ATOM   62  C  C4     . DG  A 1 3 ? -4.464  4.813   -1.619 1.00 9.99  ? 3  DG  A C4     1 
ATOM   63  P  P      . DT  A 1 4 ? -7.251  -0.573  -1.761 1.00 14.35 ? 4  DT  A P      1 
ATOM   64  O  OP1    . DT  A 1 4 ? -8.212  -1.592  -2.283 1.00 17.25 ? 4  DT  A OP1    1 
ATOM   65  O  OP2    . DT  A 1 4 ? -6.589  -0.807  -0.537 1.00 14.62 ? 4  DT  A OP2    1 
ATOM   66  O  "O5'"  . DT  A 1 4 ? -6.128  -0.346  -2.817 1.00 12.35 ? 4  DT  A "O5'"  1 
ATOM   67  C  "C5'"  . DT  A 1 4 ? -6.470  -0.204  -4.170 1.00 13.07 ? 4  DT  A "C5'"  1 
ATOM   68  C  "C4'"  . DT  A 1 4 ? -5.233  -0.087  -5.026 1.00 12.87 ? 4  DT  A "C4'"  1 
ATOM   69  O  "O4'"  . DT  A 1 4 ? -4.597  1.150   -4.607 1.00 12.10 ? 4  DT  A "O4'"  1 
ATOM   70  C  "C3'"  . DT  A 1 4 ? -4.186  -1.163  -4.790 1.00 12.35 ? 4  DT  A "C3'"  1 
ATOM   71  O  "O3'"  . DT  A 1 4 ? -4.378  -2.227  -5.677 1.00 12.99 ? 4  DT  A "O3'"  1 
ATOM   72  C  "C2'"  . DT  A 1 4 ? -2.879  -0.432  -5.074 1.00 12.66 ? 4  DT  A "C2'"  1 
ATOM   73  C  "C1'"  . DT  A 1 4 ? -3.183  1.037   -4.823 1.00 11.55 ? 4  DT  A "C1'"  1 
ATOM   74  N  N1     . DT  A 1 4 ? -2.626  1.372   -3.449 1.00 10.98 ? 4  DT  A N1     1 
ATOM   75  C  C2     . DT  A 1 4 ? -1.323  1.814   -3.421 1.00 9.55  ? 4  DT  A C2     1 
ATOM   76  O  O2     . DT  A 1 4 ? -0.626  1.855   -4.414 1.00 9.79  ? 4  DT  A O2     1 
ATOM   77  N  N3     . DT  A 1 4 ? -0.849  2.176   -2.184 1.00 7.93  ? 4  DT  A N3     1 
ATOM   78  C  C4     . DT  A 1 4 ? -1.537  2.104   -0.984 1.00 8.42  ? 4  DT  A C4     1 
ATOM   79  O  O4     . DT  A 1 4 ? -1.010  2.499   0.044  1.00 9.50  ? 4  DT  A O4     1 
ATOM   80  C  C5     . DT  A 1 4 ? -2.873  1.561   -1.076 1.00 9.60  ? 4  DT  A C5     1 
ATOM   81  C  C7     . DT  A 1 4 ? -3.676  1.384   0.176  1.00 12.34 ? 4  DT  A C7     1 
ATOM   82  C  C6     . DT  A 1 4 ? -3.347  1.238   -2.280 1.00 10.69 ? 4  DT  A C6     1 
ATOM   83  P  P      . DA  A 1 5 ? -3.675  -3.603  -5.414 1.00 14.38 ? 5  DA  A P      1 
ATOM   84  O  OP1    . DA  A 1 5 ? -4.358  -4.559  -6.346 1.00 16.99 ? 5  DA  A OP1    1 
ATOM   85  O  OP2    . DA  A 1 5 ? -3.576  -3.934  -3.984 1.00 16.77 ? 5  DA  A OP2    1 
ATOM   86  O  "O5'"  . DA  A 1 5 ? -2.244  -3.311  -5.934 1.00 12.00 ? 5  DA  A "O5'"  1 
ATOM   87  C  "C5'"  . DA  A 1 5 ? -1.100  -3.832  -5.290 1.00 12.07 ? 5  DA  A "C5'"  1 
ATOM   88  C  "C4'"  . DA  A 1 5 ? 0.120   -3.209  -5.914 1.00 9.45  ? 5  DA  A "C4'"  1 
ATOM   89  O  "O4'"  . DA  A 1 5 ? 0.051   -1.807  -5.522 1.00 10.56 ? 5  DA  A "O4'"  1 
ATOM   90  C  "C3'"  . DA  A 1 5 ? 1.431   -3.723  -5.349 1.00 11.07 ? 5  DA  A "C3'"  1 
ATOM   91  O  "O3'"  . DA  A 1 5 ? 1.975   -4.713  -6.162 1.00 11.08 ? 5  DA  A "O3'"  1 
ATOM   92  C  "C2'"  . DA  A 1 5 ? 2.304   -2.487  -5.278 1.00 10.93 ? 5  DA  A "C2'"  1 
ATOM   93  C  "C1'"  . DA  A 1 5 ? 1.309   -1.367  -5.024 1.00 9.15  ? 5  DA  A "C1'"  1 
ATOM   94  N  N9     . DA  A 1 5 ? 1.151   -1.098  -3.578 1.00 7.78  ? 5  DA  A N9     1 
ATOM   95  C  C8     . DA  A 1 5 ? 0.037   -1.339  -2.795 1.00 8.36  ? 5  DA  A C8     1 
ATOM   96  N  N7     . DA  A 1 5 ? 0.160   -0.894  -1.565 1.00 8.69  ? 5  DA  A N7     1 
ATOM   97  C  C5     . DA  A 1 5 ? 1.438   -0.355  -1.525 1.00 7.89  ? 5  DA  A C5     1 
ATOM   98  C  C6     . DA  A 1 5 ? 2.177   0.292   -0.513 1.00 7.35  ? 5  DA  A C6     1 
ATOM   99  N  N6     . DA  A 1 5 ? 1.696   0.508   0.711  1.00 8.31  ? 5  DA  A N6     1 
ATOM   100 N  N1     . DA  A 1 5 ? 3.427   0.712   -0.802 1.00 8.07  ? 5  DA  A N1     1 
ATOM   101 C  C2     . DA  A 1 5 ? 3.900   0.482   -2.027 1.00 8.06  ? 5  DA  A C2     1 
ATOM   102 N  N3     . DA  A 1 5 ? 3.312   -0.107  -3.066 1.00 7.56  ? 5  DA  A N3     1 
ATOM   103 C  C4     . DA  A 1 5 ? 2.071   -0.501  -2.747 1.00 7.17  ? 5  DA  A C4     1 
ATOM   104 P  P      . DC  A 1 6 ? 2.666   -5.970  -5.488 1.00 12.15 ? 6  DC  A P      1 
ATOM   105 O  OP1    . DC  A 1 6 ? 3.048   -6.883  -6.603 1.00 15.19 ? 6  DC  A OP1    1 
ATOM   106 O  OP2    . DC  A 1 6 ? 1.887   -6.483  -4.365 1.00 13.89 ? 6  DC  A OP2    1 
ATOM   107 O  "O5'"  . DC  A 1 6 ? 3.959   -5.397  -4.838 1.00 10.71 ? 6  DC  A "O5'"  1 
ATOM   108 C  "C5'"  . DC  A 1 6 ? 4.974   -4.850  -5.656 1.00 10.29 ? 6  DC  A "C5'"  1 
ATOM   109 C  "C4'"  . DC  A 1 6 ? 6.081   -4.231  -4.842 1.00 10.84 ? 6  DC  A "C4'"  1 
ATOM   110 O  "O4'"  . DC  A 1 6 ? 5.518   -3.041  -4.222 1.00 11.01 ? 6  DC  A "O4'"  1 
ATOM   111 C  "C3'"  . DC  A 1 6 ? 6.591   -5.049  -3.683 1.00 11.23 ? 6  DC  A "C3'"  1 
ATOM   112 O  "O3'"  . DC  A 1 6 ? 7.568   -5.972  -4.056 1.00 13.66 ? 6  DC  A "O3'"  1 
ATOM   113 C  "C2'"  . DC  A 1 6 ? 7.099   -3.973  -2.735 1.00 11.90 ? 6  DC  A "C2'"  1 
ATOM   114 C  "C1'"  . DC  A 1 6 ? 6.129   -2.823  -2.955 1.00 10.62 ? 6  DC  A "C1'"  1 
ATOM   115 N  N1     . DC  A 1 6 ? 5.084   -2.875  -1.911 1.00 9.49  ? 6  DC  A N1     1 
ATOM   116 C  C2     . DC  A 1 6 ? 5.371   -2.288  -0.679 1.00 8.85  ? 6  DC  A C2     1 
ATOM   117 O  O2     . DC  A 1 6 ? 6.512   -1.820  -0.510 1.00 10.60 ? 6  DC  A O2     1 
ATOM   118 N  N3     . DC  A 1 6 ? 4.432   -2.269  0.292  1.00 8.82  ? 6  DC  A N3     1 
ATOM   119 C  C4     . DC  A 1 6 ? 3.254   -2.835  0.087  1.00 8.64  ? 6  DC  A C4     1 
ATOM   120 N  N4     . DC  A 1 6 ? 2.364   -2.794  1.078  1.00 9.21  ? 6  DC  A N4     1 
ATOM   121 C  C5     . DC  A 1 6 ? 2.931   -3.474  -1.146 1.00 7.81  ? 6  DC  A C5     1 
ATOM   122 C  C6     . DC  A 1 6 ? 3.869   -3.481  -2.114 1.00 8.77  ? 6  DC  A C6     1 
ATOM   123 P  P      . DA  A 1 7 ? 7.766   -7.271  -3.190 1.00 15.12 ? 7  DA  A P      1 
ATOM   124 O  OP1    . DA  A 1 7 ? 8.607   -8.217  -4.005 1.00 16.03 ? 7  DA  A OP1    1 
ATOM   125 O  OP2    . DA  A 1 7 ? 6.490   -7.758  -2.586 1.00 15.74 ? 7  DA  A OP2    1 
ATOM   126 O  "O5'"  . DA  A 1 7 ? 8.588   -6.770  -1.979 1.00 13.12 ? 7  DA  A "O5'"  1 
ATOM   127 C  "C5'"  . DA  A 1 7 ? 9.861   -6.164  -2.180 1.00 12.78 ? 7  DA  A "C5'"  1 
ATOM   128 C  "C4'"  . DA  A 1 7 ? 10.490  -5.763  -0.869 1.00 10.98 ? 7  DA  A "C4'"  1 
ATOM   129 O  "O4'"  . DA  A 1 7 ? 9.670   -4.692  -0.334 1.00 10.96 ? 7  DA  A "O4'"  1 
ATOM   130 C  "C3'"  . DA  A 1 7 ? 10.470  -6.842  0.196  1.00 11.87 ? 7  DA  A "C3'"  1 
ATOM   131 O  "O3'"  . DA  A 1 7 ? 11.671  -7.561  0.190  1.00 13.09 ? 7  DA  A "O3'"  1 
ATOM   132 C  "C2'"  . DA  A 1 7 ? 10.273  -6.085  1.497  1.00 12.03 ? 7  DA  A "C2'"  1 
ATOM   133 C  "C1'"  . DA  A 1 7 ? 9.592   -4.790  1.075  1.00 9.29  ? 7  DA  A "C1'"  1 
ATOM   134 N  N9     . DA  A 1 7 ? 8.171   -4.857  1.408  1.00 9.66  ? 7  DA  A N9     1 
ATOM   135 C  C8     . DA  A 1 7 ? 7.158   -5.335  0.643  1.00 9.60  ? 7  DA  A C8     1 
ATOM   136 N  N7     . DA  A 1 7 ? 5.970   -5.222  1.201  1.00 9.23  ? 7  DA  A N7     1 
ATOM   137 C  C5     . DA  A 1 7 ? 6.241   -4.634  2.427  1.00 8.20  ? 7  DA  A C5     1 
ATOM   138 C  C6     . DA  A 1 7 ? 5.420   -4.227  3.501  1.00 8.45  ? 7  DA  A C6     1 
ATOM   139 N  N6     . DA  A 1 7 ? 4.087   -4.324  3.499  1.00 9.36  ? 7  DA  A N6     1 
ATOM   140 N  N1     . DA  A 1 7 ? 6.011   -3.701  4.578  1.00 10.28 ? 7  DA  A N1     1 
ATOM   141 C  C2     . DA  A 1 7 ? 7.337   -3.579  4.581  1.00 10.70 ? 7  DA  A C2     1 
ATOM   142 N  N3     . DA  A 1 7 ? 8.216   -3.912  3.632  1.00 9.51  ? 7  DA  A N3     1 
ATOM   143 C  C4     . DA  A 1 7 ? 7.596   -4.423  2.573  1.00 8.19  ? 7  DA  A C4     1 
ATOM   144 P  P      . DC  A 1 8 ? 11.672  -9.058  0.671  1.00 14.51 ? 8  DC  A P      1 
ATOM   145 O  OP1    . DC  A 1 8 ? 13.022  -9.562  0.295  1.00 16.73 ? 8  DC  A OP1    1 
ATOM   146 O  OP2    . DC  A 1 8 ? 10.453  -9.774  0.190  1.00 17.40 ? 8  DC  A OP2    1 
ATOM   147 O  "O5'"  . DC  A 1 8 ? 11.606  -8.956  2.212  1.00 13.67 ? 8  DC  A "O5'"  1 
ATOM   148 C  "C5'"  . DC  A 1 8 ? 12.639  -8.261  2.949  1.00 14.56 ? 8  DC  A "C5'"  1 
ATOM   149 C  "C4'"  . DC  A 1 8 ? 12.375  -8.280  4.443  1.00 14.71 ? 8  DC  A "C4'"  1 
ATOM   150 O  "O4'"  . DC  A 1 8 ? 11.170  -7.500  4.669  1.00 15.31 ? 8  DC  A "O4'"  1 
ATOM   151 C  "C3'"  . DC  A 1 8 ? 12.138  -9.641  5.103  1.00 16.29 ? 8  DC  A "C3'"  1 
ATOM   152 O  "O3'"  . DC  A 1 8 ? 12.709  -9.628  6.406  1.00 19.30 ? 8  DC  A "O3'"  1 
ATOM   153 C  "C2'"  . DC  A 1 8 ? 10.631  -9.699  5.276  1.00 16.94 ? 8  DC  A "C2'"  1 
ATOM   154 C  "C1'"  . DC  A 1 8 ? 10.256  -8.232  5.469  1.00 15.60 ? 8  DC  A "C1'"  1 
ATOM   155 N  N1     . DC  A 1 8 ? 8.887   -7.913  5.008  1.00 13.87 ? 8  DC  A N1     1 
ATOM   156 C  C2     . DC  A 1 8 ? 7.979   -7.284  5.888  1.00 12.87 ? 8  DC  A C2     1 
ATOM   157 O  O2     . DC  A 1 8 ? 8.376   -6.891  6.977  1.00 12.82 ? 8  DC  A O2     1 
ATOM   158 N  N3     . DC  A 1 8 ? 6.706   -7.130  5.512  1.00 10.86 ? 8  DC  A N3     1 
ATOM   159 C  C4     . DC  A 1 8 ? 6.303   -7.544  4.321  1.00 11.43 ? 8  DC  A C4     1 
ATOM   160 N  N4     . DC  A 1 8 ? 5.010   -7.442  4.021  1.00 11.47 ? 8  DC  A N4     1 
ATOM   161 C  C5     . DC  A 1 8 ? 7.207   -8.111  3.376  1.00 12.39 ? 8  DC  A C5     1 
ATOM   162 C  C6     . DC  A 1 8 ? 8.478   -8.271  3.757  1.00 13.45 ? 8  DC  A C6     1 
HETATM 163 N  N5     . SPM B 2 . ? 2.332   -6.247  1.681  1.00 21.77 ? 50 SPM A N5     1 
HETATM 164 C  C6     . SPM B 2 . ? 3.411   -6.274  0.856  1.00 24.43 ? 50 SPM A C6     1 
HETATM 165 C  C7     . SPM B 2 . ? 4.157   -6.708  -0.456 1.00 22.53 ? 50 SPM A C7     1 
HETATM 166 O  O      . HOH C 3 . ? 4.370   0.261   -5.682 1.00 9.76  ? 51 HOH A O      1 
HETATM 167 O  O      . HOH C 3 . ? 15.249  -8.284  0.687  1.00 16.57 ? 52 HOH A O      1 
HETATM 168 O  O      . HOH C 3 . ? 5.456   -1.439  -7.590 1.00 15.37 ? 53 HOH A O      1 
HETATM 169 O  O      . HOH C 3 . ? 11.041  -4.484  4.492  1.00 17.02 ? 54 HOH A O      1 
HETATM 170 O  O      . HOH C 3 . ? -3.092  12.940  8.257  1.00 19.73 ? 55 HOH A O      1 
HETATM 171 O  O      . HOH C 3 . ? -3.424  5.393   3.255  1.00 19.14 ? 56 HOH A O      1 
HETATM 172 O  O      . HOH C 3 . ? -9.150  7.763   9.847  1.00 18.19 ? 57 HOH A O      1 
HETATM 173 O  O      . HOH C 3 . ? -7.954  9.188   -3.424 1.00 16.29 ? 58 HOH A O      1 
HETATM 174 O  O      . HOH C 3 . ? -1.238  7.020   2.270  1.00 17.63 ? 59 HOH A O      1 
HETATM 175 O  O      . HOH C 3 . ? -1.295  2.369   2.737  1.00 20.97 ? 60 HOH A O      1 
HETATM 176 O  O      . HOH C 3 . ? -0.705  11.250  1.165  1.00 18.45 ? 61 HOH A O      1 
HETATM 177 O  O      . HOH C 3 . ? -5.713  3.887   -5.025 1.00 18.60 ? 62 HOH A O      1 
HETATM 178 O  O      . HOH C 3 . ? -4.177  -2.247  0.054  1.00 20.91 ? 63 HOH A O      1 
HETATM 179 O  O      . HOH C 3 . ? -5.833  5.515   4.935  1.00 22.42 ? 64 HOH A O      1 
HETATM 180 O  O      . HOH C 3 . ? 9.592   -9.566  9.017  1.00 22.50 ? 65 HOH A O      1 
HETATM 181 O  O      . HOH C 3 . ? 8.167   -10.529 0.958  1.00 20.43 ? 66 HOH A O      1 
HETATM 182 O  O      . HOH C 3 . ? 6.146   -9.317  -0.252 1.00 22.74 ? 67 HOH A O      1 
HETATM 183 O  O      . HOH C 3 . ? -1.586  -1.567  0.496  1.00 23.05 ? 68 HOH A O      1 
HETATM 184 O  O      . HOH C 3 . ? -1.481  11.185  4.033  1.00 28.84 ? 69 HOH A O      1 
HETATM 185 O  O      . HOH C 3 . ? -10.731 5.159   7.309  1.00 26.67 ? 70 HOH A O      1 
HETATM 186 O  O      . HOH C 3 . ? 3.996   -5.689  -9.025 1.00 24.97 ? 71 HOH A O      1 
HETATM 187 O  O      . HOH C 3 . ? -6.522  -0.084  2.295  1.00 30.66 ? 72 HOH A O      1 
HETATM 188 O  O      . HOH C 3 . ? -7.336  2.234   -6.584 1.00 26.49 ? 73 HOH A O      1 
HETATM 189 O  O      . HOH C 3 . ? 0.285   -3.825  3.437  1.00 31.28 ? 74 HOH A O      1 
HETATM 190 O  O      . HOH C 3 . ? -5.725  1.937   3.350  1.00 27.42 ? 75 HOH A O      1 
HETATM 191 O  O      . HOH C 3 . ? -0.361  -4.249  0.763  1.00 25.02 ? 76 HOH A O      1 
HETATM 192 O  O      . HOH C 3 . ? 0.844   5.708   2.859  1.00 33.72 ? 77 HOH A O      1 
HETATM 193 O  O      . HOH C 3 . ? 1.753   -6.879  -1.757 1.00 27.43 ? 78 HOH A O      1 
HETATM 194 O  O      . HOH C 3 . ? 2.335   -10.973 -3.121 1.00 35.37 ? 79 HOH A O      1 
HETATM 195 O  O      . HOH C 3 . ? 10.013  -10.138 -2.725 1.00 32.87 ? 80 HOH A O      1 
HETATM 196 O  O      . HOH C 3 . ? -7.342  -4.572  -6.618 1.00 32.04 ? 81 HOH A O      1 
HETATM 197 O  O      . HOH C 3 . ? 6.881   1.062   -8.962 0.50 25.92 ? 82 HOH A O      1 
HETATM 198 O  O      . HOH C 3 . ? 11.915  -7.717  8.897  1.00 31.16 ? 83 HOH A O      1 
HETATM 199 O  O      . HOH C 3 . ? 0.422   -8.756  -0.665 1.00 34.40 ? 84 HOH A O      1 
HETATM 200 O  O      . HOH C 3 . ? -3.282  2.946   3.973  1.00 32.13 ? 85 HOH A O      1 
HETATM 201 O  O      . HOH C 3 . ? -7.082  -4.680  -3.185 1.00 36.80 ? 86 HOH A O      1 
HETATM 202 O  O      . HOH C 3 . ? -0.574  -4.959  -1.781 1.00 32.27 ? 87 HOH A O      1 
HETATM 203 O  O      . HOH C 3 . ? -0.769  14.611  8.819  1.00 32.68 ? 88 HOH A O      1 
HETATM 204 O  O      . HOH C 3 . ? 7.257   -12.742 -0.349 1.00 31.03 ? 89 HOH A O      1 
HETATM 205 O  O      . HOH C 3 . ? 4.936   -9.932  -4.426 1.00 39.10 ? 90 HOH A O      1 
HETATM 206 O  O      . HOH C 3 . ? 6.019   -11.517 -2.602 1.00 35.93 ? 91 HOH A O      1 
HETATM 207 O  O      . HOH C 3 . ? -3.201  -5.981  -8.333 1.00 28.24 ? 92 HOH A O      1 
HETATM 208 O  O      . HOH C 3 . ? 4.367   -13.691 -0.337 1.00 36.49 ? 93 HOH A O      1 
HETATM 209 O  O      . HOH C 3 . ? -0.788  -6.853  -8.073 1.00 37.62 ? 94 HOH A O      1 
# 
